data_4NHW
#
_entry.id   4NHW
#
_cell.length_a   48.306
_cell.length_b   62.504
_cell.length_c   84.426
_cell.angle_alpha   87.34
_cell.angle_beta   79.73
_cell.angle_gamma   82.04
#
_symmetry.space_group_name_H-M   'P 1'
#
loop_
_entity.id
_entity.type
_entity.pdbx_description
1 polymer 'Glutathione S-transferase'
2 non-polymer GLUTATHIONE
3 water water
#
_entity_poly.entity_id   1
_entity_poly.type   'polypeptide(L)'
_entity_poly.pdbx_seq_one_letter_code
;MHHHHHHSSGVDLGTENLYFQSMLTIYGVYRSRASRNYWMAGELGLPFRSVPVVQAHRVADPLAADAPLNTKSPGFLAIN
PMGLIPAIEDDGLVLTESLANNLYLARKHGGPLAPADIREEGQIGNWTMWAATEVEPHAVKIVLAHDNGIEETPEGRAEI
AACARSLEKAFAVLETHLAERDYVVGDRFTVADLNLAEVFRYTMSQTDLFKRHPQVKAWLARCQSRPAFKAMMEERLKEP
E
;
_entity_poly.pdbx_strand_id   A,B,C,D
#
# COMPACT_ATOMS: atom_id res chain seq x y z
N MET A 23 -14.95 -16.87 -15.11
CA MET A 23 -13.81 -17.50 -14.38
C MET A 23 -13.63 -16.90 -12.99
N LEU A 24 -13.03 -17.69 -12.09
CA LEU A 24 -12.74 -17.25 -10.73
C LEU A 24 -11.37 -16.57 -10.66
N THR A 25 -11.32 -15.44 -9.97
CA THR A 25 -10.06 -14.78 -9.62
C THR A 25 -9.93 -14.75 -8.10
N ILE A 26 -8.77 -15.13 -7.61
CA ILE A 26 -8.46 -15.16 -6.18
C ILE A 26 -7.31 -14.18 -5.91
N TYR A 27 -7.57 -13.17 -5.08
CA TYR A 27 -6.57 -12.16 -4.78
C TYR A 27 -5.96 -12.49 -3.45
N GLY A 28 -4.68 -12.82 -3.47
CA GLY A 28 -3.96 -13.06 -2.23
C GLY A 28 -2.85 -14.06 -2.42
N VAL A 29 -1.79 -13.83 -1.67
CA VAL A 29 -0.64 -14.71 -1.59
C VAL A 29 -1.05 -16.01 -0.87
N TYR A 30 -0.41 -17.12 -1.22
CA TYR A 30 -0.72 -18.42 -0.61
C TYR A 30 -0.37 -18.42 0.88
N ARG A 31 0.68 -17.71 1.25
CA ARG A 31 1.06 -17.55 2.65
C ARG A 31 0.15 -16.52 3.35
N SER A 32 -1.16 -16.80 3.34
CA SER A 32 -2.17 -15.97 3.99
C SER A 32 -3.43 -16.79 4.08
N ARG A 33 -4.50 -16.21 4.58
CA ARG A 33 -5.78 -16.88 4.61
C ARG A 33 -6.33 -17.23 3.24
N ALA A 34 -5.77 -16.65 2.18
CA ALA A 34 -6.15 -17.04 0.81
C ALA A 34 -5.99 -18.54 0.54
N SER A 35 -5.11 -19.20 1.31
CA SER A 35 -4.91 -20.65 1.23
C SER A 35 -6.20 -21.42 1.36
N ARG A 36 -7.08 -20.94 2.23
CA ARG A 36 -8.40 -21.54 2.39
C ARG A 36 -9.17 -21.59 1.08
N ASN A 37 -9.08 -20.52 0.29
CA ASN A 37 -9.81 -20.42 -0.95
C ASN A 37 -9.12 -21.16 -2.10
N TYR A 38 -7.80 -21.17 -2.10
CA TYR A 38 -7.07 -21.94 -3.11
C TYR A 38 -7.37 -23.42 -2.96
N TRP A 39 -7.41 -23.89 -1.72
CA TRP A 39 -7.66 -25.31 -1.43
C TRP A 39 -9.10 -25.66 -1.86
N MET A 40 -10.05 -24.81 -1.51
CA MET A 40 -11.45 -25.03 -1.87
C MET A 40 -11.63 -25.11 -3.37
N ALA A 41 -11.03 -24.17 -4.10
CA ALA A 41 -11.08 -24.16 -5.55
C ALA A 41 -10.52 -25.46 -6.12
N GLY A 42 -9.41 -25.92 -5.55
CA GLY A 42 -8.82 -27.21 -5.91
C GLY A 42 -9.77 -28.36 -5.66
N GLU A 43 -10.39 -28.39 -4.48
CA GLU A 43 -11.34 -29.47 -4.17
C GLU A 43 -12.49 -29.50 -5.16
N LEU A 44 -12.92 -28.33 -5.61
CA LEU A 44 -14.05 -28.23 -6.54
C LEU A 44 -13.67 -28.44 -7.98
N GLY A 45 -12.37 -28.43 -8.26
CA GLY A 45 -11.89 -28.62 -9.63
C GLY A 45 -12.00 -27.36 -10.47
N LEU A 46 -12.14 -26.21 -9.80
CA LEU A 46 -12.35 -24.95 -10.52
C LEU A 46 -11.06 -24.40 -11.09
N PRO A 47 -11.08 -23.98 -12.37
CA PRO A 47 -9.96 -23.18 -12.81
C PRO A 47 -10.04 -21.84 -12.11
N PHE A 48 -8.88 -21.28 -11.80
CA PHE A 48 -8.86 -19.97 -11.19
C PHE A 48 -7.60 -19.24 -11.59
N ARG A 49 -7.66 -17.93 -11.40
CA ARG A 49 -6.55 -17.08 -11.64
C ARG A 49 -6.09 -16.61 -10.26
N SER A 50 -4.79 -16.73 -10.01
CA SER A 50 -4.19 -16.26 -8.77
C SER A 50 -3.55 -14.91 -9.02
N VAL A 51 -3.91 -13.92 -8.21
CA VAL A 51 -3.22 -12.63 -8.20
C VAL A 51 -2.50 -12.48 -6.86
N PRO A 52 -1.15 -12.58 -6.88
CA PRO A 52 -0.46 -12.74 -5.59
C PRO A 52 -0.29 -11.44 -4.81
N VAL A 53 -1.40 -10.91 -4.30
CA VAL A 53 -1.40 -9.66 -3.54
C VAL A 53 -0.77 -9.93 -2.17
N VAL A 54 0.19 -9.11 -1.76
CA VAL A 54 0.90 -9.32 -0.49
C VAL A 54 0.38 -8.43 0.64
N GLN A 55 0.42 -8.95 1.86
CA GLN A 55 0.10 -8.15 3.05
C GLN A 55 0.98 -6.92 3.07
N ALA A 56 0.37 -5.77 3.32
CA ALA A 56 1.07 -4.48 3.32
C ALA A 56 2.17 -4.36 4.36
N HIS A 57 2.07 -5.11 5.46
CA HIS A 57 3.12 -5.07 6.48
C HIS A 57 4.38 -5.88 6.09
N ARG A 58 4.22 -6.91 5.25
CA ARG A 58 5.38 -7.66 4.74
C ARG A 58 6.14 -6.94 3.61
N VAL A 59 5.66 -5.77 3.21
CA VAL A 59 6.32 -4.92 2.21
C VAL A 59 6.83 -3.67 2.90
N ALA A 60 8.04 -3.24 2.53
CA ALA A 60 8.78 -2.18 3.22
C ALA A 60 8.17 -0.79 3.08
N ASP A 61 7.78 -0.42 1.86
CA ASP A 61 7.04 0.83 1.63
C ASP A 61 5.95 0.58 0.61
N PRO A 62 4.76 0.16 1.10
CA PRO A 62 3.61 -0.26 0.29
C PRO A 62 3.20 0.66 -0.86
N LEU A 63 3.39 1.97 -0.74
CA LEU A 63 2.91 2.92 -1.77
C LEU A 63 3.95 3.37 -2.79
N ALA A 64 5.13 2.75 -2.79
CA ALA A 64 6.17 3.12 -3.77
C ALA A 64 5.83 2.52 -5.12
N ALA A 65 6.22 3.22 -6.19
CA ALA A 65 5.91 2.79 -7.55
C ALA A 65 6.38 1.36 -7.82
N ASP A 66 7.53 0.99 -7.27
CA ASP A 66 8.11 -0.36 -7.43
C ASP A 66 7.84 -1.33 -6.27
N ALA A 67 6.89 -0.97 -5.40
CA ALA A 67 6.41 -1.91 -4.38
C ALA A 67 5.62 -3.01 -5.05
N PRO A 68 5.67 -4.26 -4.52
CA PRO A 68 4.78 -5.28 -5.06
C PRO A 68 3.32 -4.93 -4.82
N LEU A 69 2.43 -5.48 -5.65
CA LEU A 69 1.00 -5.30 -5.48
C LEU A 69 0.61 -5.83 -4.10
N ASN A 70 -0.03 -4.97 -3.31
CA ASN A 70 -0.26 -5.27 -1.92
C ASN A 70 -1.59 -4.72 -1.42
N THR A 71 -1.93 -5.04 -0.17
CA THR A 71 -3.23 -4.71 0.40
C THR A 71 -3.51 -3.22 0.57
N LYS A 72 -2.49 -2.37 0.45
CA LYS A 72 -2.68 -0.92 0.46
C LYS A 72 -2.61 -0.27 -0.93
N SER A 73 -2.47 -1.07 -1.98
CA SER A 73 -2.46 -0.58 -3.35
C SER A 73 -3.86 -0.08 -3.71
N PRO A 74 -3.97 1.11 -4.35
CA PRO A 74 -5.29 1.63 -4.71
C PRO A 74 -6.12 0.69 -5.58
N GLY A 75 -5.47 -0.03 -6.49
CA GLY A 75 -6.17 -0.96 -7.37
C GLY A 75 -6.90 -2.03 -6.60
N PHE A 76 -6.20 -2.57 -5.60
CA PHE A 76 -6.77 -3.58 -4.72
C PHE A 76 -7.83 -3.03 -3.76
N LEU A 77 -7.57 -1.86 -3.18
CA LEU A 77 -8.56 -1.26 -2.28
C LEU A 77 -9.86 -0.94 -3.01
N ALA A 78 -9.78 -0.71 -4.32
CA ALA A 78 -10.97 -0.46 -5.12
C ALA A 78 -11.86 -1.70 -5.14
N ILE A 79 -11.26 -2.88 -5.08
CA ILE A 79 -12.07 -4.10 -5.06
C ILE A 79 -12.37 -4.64 -3.65
N ASN A 80 -11.43 -4.50 -2.72
CA ASN A 80 -11.71 -4.77 -1.30
C ASN A 80 -11.37 -3.57 -0.42
N PRO A 81 -12.34 -2.65 -0.21
CA PRO A 81 -12.05 -1.49 0.65
C PRO A 81 -11.53 -1.83 2.06
N MET A 82 -11.80 -3.04 2.54
CA MET A 82 -11.28 -3.49 3.84
C MET A 82 -9.74 -3.63 3.86
N GLY A 83 -9.14 -3.82 2.69
CA GLY A 83 -7.68 -3.86 2.60
C GLY A 83 -7.12 -5.14 3.16
N LEU A 84 -7.84 -6.24 2.94
CA LEU A 84 -7.40 -7.53 3.45
C LEU A 84 -7.55 -8.60 2.39
N ILE A 85 -6.69 -9.61 2.48
CA ILE A 85 -6.78 -10.78 1.63
C ILE A 85 -7.27 -11.97 2.45
N PRO A 86 -8.00 -12.88 1.82
CA PRO A 86 -8.33 -12.92 0.40
C PRO A 86 -9.57 -12.14 -0.03
N ALA A 87 -9.61 -11.82 -1.31
CA ALA A 87 -10.83 -11.44 -1.98
C ALA A 87 -10.93 -12.40 -3.13
N ILE A 88 -12.15 -12.77 -3.51
CA ILE A 88 -12.35 -13.53 -4.72
C ILE A 88 -13.34 -12.74 -5.54
N GLU A 89 -13.27 -12.94 -6.84
CA GLU A 89 -14.18 -12.31 -7.76
C GLU A 89 -14.71 -13.38 -8.71
N ASP A 90 -16.02 -13.50 -8.74
CA ASP A 90 -16.68 -14.56 -9.47
C ASP A 90 -17.82 -13.91 -10.24
N ASP A 91 -17.67 -13.80 -11.56
CA ASP A 91 -18.71 -13.22 -12.42
C ASP A 91 -19.11 -11.83 -11.96
N GLY A 92 -18.11 -11.01 -11.67
CA GLY A 92 -18.36 -9.64 -11.18
C GLY A 92 -18.57 -9.52 -9.67
N LEU A 93 -18.96 -10.60 -9.01
CA LEU A 93 -19.16 -10.58 -7.56
C LEU A 93 -17.83 -10.67 -6.81
N VAL A 94 -17.58 -9.71 -5.93
CA VAL A 94 -16.39 -9.72 -5.09
C VAL A 94 -16.77 -10.05 -3.66
N LEU A 95 -16.10 -11.05 -3.09
CA LEU A 95 -16.33 -11.50 -1.73
C LEU A 95 -14.99 -11.49 -1.00
N THR A 96 -15.03 -11.22 0.30
CA THR A 96 -13.84 -10.77 1.03
C THR A 96 -13.72 -11.34 2.43
N GLU A 97 -14.31 -12.51 2.65
CA GLU A 97 -14.25 -13.19 3.94
C GLU A 97 -13.96 -14.67 3.68
N SER A 98 -12.75 -15.09 4.03
CA SER A 98 -12.21 -16.38 3.59
C SER A 98 -13.13 -17.59 3.81
N LEU A 99 -13.69 -17.72 5.01
CA LEU A 99 -14.46 -18.91 5.33
C LEU A 99 -15.82 -18.86 4.66
N ALA A 100 -16.39 -17.65 4.60
CA ALA A 100 -17.67 -17.44 3.95
C ALA A 100 -17.53 -17.58 2.45
N ASN A 101 -16.38 -17.18 1.91
CA ASN A 101 -16.09 -17.37 0.50
C ASN A 101 -16.25 -18.83 0.15
N ASN A 102 -15.74 -19.69 1.03
CA ASN A 102 -15.81 -21.12 0.83
C ASN A 102 -17.23 -21.69 0.86
N LEU A 103 -18.07 -21.20 1.77
CA LEU A 103 -19.46 -21.61 1.81
C LEU A 103 -20.19 -21.22 0.52
N TYR A 104 -19.86 -20.05 0.00
CA TYR A 104 -20.46 -19.58 -1.25
C TYR A 104 -20.02 -20.46 -2.42
N LEU A 105 -18.74 -20.79 -2.49
CA LEU A 105 -18.25 -21.62 -3.59
C LEU A 105 -18.94 -22.98 -3.52
N ALA A 106 -19.10 -23.54 -2.32
CA ALA A 106 -19.77 -24.84 -2.21
C ALA A 106 -21.23 -24.75 -2.61
N ARG A 107 -21.91 -23.70 -2.18
CA ARG A 107 -23.33 -23.56 -2.52
C ARG A 107 -23.50 -23.35 -4.00
N LYS A 108 -22.58 -22.60 -4.61
CA LYS A 108 -22.67 -22.34 -6.03
C LYS A 108 -22.39 -23.55 -6.90
N HIS A 109 -21.30 -24.25 -6.61
CA HIS A 109 -20.83 -25.29 -7.52
C HIS A 109 -21.31 -26.67 -7.13
N GLY A 110 -21.76 -26.85 -5.88
CA GLY A 110 -22.33 -28.12 -5.44
C GLY A 110 -21.27 -29.19 -5.31
N GLY A 111 -21.68 -30.46 -5.40
CA GLY A 111 -20.80 -31.61 -5.22
C GLY A 111 -20.81 -32.09 -3.78
N PRO A 112 -20.02 -33.13 -3.48
CA PRO A 112 -20.07 -33.68 -2.12
C PRO A 112 -19.65 -32.70 -1.00
N LEU A 113 -18.82 -31.70 -1.31
CA LEU A 113 -18.40 -30.75 -0.29
C LEU A 113 -19.53 -29.82 0.17
N ALA A 114 -20.57 -29.69 -0.64
CA ALA A 114 -21.66 -28.76 -0.34
C ALA A 114 -22.67 -29.36 0.61
N PRO A 115 -23.43 -28.52 1.32
CA PRO A 115 -24.53 -29.08 2.08
C PRO A 115 -25.48 -29.79 1.16
N ALA A 116 -25.99 -30.95 1.57
CA ALA A 116 -26.93 -31.74 0.72
C ALA A 116 -28.39 -31.43 1.02
N ASP A 117 -28.67 -30.84 2.18
CA ASP A 117 -30.01 -30.41 2.57
C ASP A 117 -29.94 -29.23 3.54
N ILE A 118 -31.10 -28.70 3.95
CA ILE A 118 -31.16 -27.45 4.74
C ILE A 118 -30.57 -27.67 6.13
N ARG A 119 -30.70 -28.90 6.60
CA ARG A 119 -30.18 -29.33 7.88
C ARG A 119 -28.64 -29.27 7.90
N GLU A 120 -28.00 -29.88 6.90
CA GLU A 120 -26.55 -29.77 6.74
C GLU A 120 -26.11 -28.35 6.53
N GLU A 121 -26.92 -27.55 5.84
CA GLU A 121 -26.56 -26.16 5.61
C GLU A 121 -26.46 -25.48 6.95
N GLY A 122 -27.41 -25.75 7.85
CA GLY A 122 -27.37 -25.20 9.19
C GLY A 122 -26.13 -25.66 9.93
N GLN A 123 -25.85 -26.95 9.90
CA GLN A 123 -24.69 -27.53 10.59
C GLN A 123 -23.37 -26.99 10.08
N ILE A 124 -23.26 -26.89 8.76
CA ILE A 124 -22.04 -26.45 8.13
C ILE A 124 -21.81 -24.99 8.43
N GLY A 125 -22.88 -24.22 8.35
CA GLY A 125 -22.84 -22.82 8.73
C GLY A 125 -22.45 -22.64 10.19
N ASN A 126 -22.98 -23.49 11.07
CA ASN A 126 -22.72 -23.43 12.50
C ASN A 126 -21.25 -23.73 12.84
N TRP A 127 -20.70 -24.81 12.31
CA TRP A 127 -19.29 -25.13 12.50
C TRP A 127 -18.37 -24.05 11.94
N THR A 128 -18.69 -23.53 10.78
CA THR A 128 -17.88 -22.47 10.18
C THR A 128 -17.81 -21.19 11.02
N MET A 129 -18.94 -20.72 11.51
CA MET A 129 -19.02 -19.53 12.35
C MET A 129 -18.39 -19.76 13.75
N TRP A 130 -18.55 -20.98 14.27
CA TRP A 130 -17.91 -21.38 15.51
C TRP A 130 -16.38 -21.26 15.38
N ALA A 131 -15.83 -21.81 14.31
CA ALA A 131 -14.41 -21.64 13.98
C ALA A 131 -13.98 -20.16 13.90
N ALA A 132 -14.80 -19.34 13.25
CA ALA A 132 -14.45 -17.94 13.03
C ALA A 132 -14.48 -17.12 14.31
N THR A 133 -15.40 -17.43 15.22
CA THR A 133 -15.59 -16.59 16.40
C THR A 133 -14.96 -17.18 17.67
N GLU A 134 -14.91 -18.51 17.79
CA GLU A 134 -14.44 -19.15 19.02
C GLU A 134 -13.03 -19.74 18.94
N VAL A 135 -12.51 -19.97 17.73
CA VAL A 135 -11.21 -20.61 17.58
C VAL A 135 -10.18 -19.73 16.89
N GLU A 136 -10.50 -19.26 15.69
CA GLU A 136 -9.55 -18.46 14.90
C GLU A 136 -8.86 -17.32 15.65
N PRO A 137 -9.60 -16.52 16.44
CA PRO A 137 -8.94 -15.36 17.07
C PRO A 137 -7.72 -15.74 17.92
N HIS A 138 -7.87 -16.81 18.70
CA HIS A 138 -6.79 -17.33 19.54
C HIS A 138 -5.74 -18.02 18.68
N ALA A 139 -6.21 -18.82 17.72
CA ALA A 139 -5.32 -19.55 16.84
C ALA A 139 -4.34 -18.64 16.13
N VAL A 140 -4.86 -17.58 15.52
CA VAL A 140 -4.04 -16.66 14.72
C VAL A 140 -2.93 -15.98 15.54
N LYS A 141 -3.19 -15.73 16.83
CA LYS A 141 -2.19 -15.14 17.73
C LYS A 141 -0.98 -16.06 17.92
N ILE A 142 -1.23 -17.37 17.86
CA ILE A 142 -0.17 -18.37 17.95
C ILE A 142 0.72 -18.32 16.71
N VAL A 143 0.10 -18.18 15.54
CA VAL A 143 0.84 -18.05 14.28
C VAL A 143 1.61 -16.72 14.22
N LEU A 144 1.10 -15.71 14.92
CA LEU A 144 1.84 -14.46 15.09
C LEU A 144 2.99 -14.63 16.08
N ALA A 145 2.72 -15.31 17.19
CA ALA A 145 3.76 -15.62 18.17
C ALA A 145 4.86 -16.48 17.52
N HIS A 146 4.44 -17.50 16.78
CA HIS A 146 5.36 -18.33 16.02
C HIS A 146 5.76 -17.56 14.76
N THR A 153 11.45 -18.78 25.64
CA THR A 153 11.62 -18.06 26.90
C THR A 153 10.42 -18.31 27.83
N PRO A 154 10.48 -17.79 29.07
CA PRO A 154 9.29 -17.79 29.92
C PRO A 154 8.20 -16.83 29.43
N GLU A 155 8.61 -15.75 28.74
CA GLU A 155 7.68 -14.75 28.20
C GLU A 155 6.94 -15.26 26.95
N GLY A 156 7.65 -16.00 26.10
CA GLY A 156 7.04 -16.64 24.93
C GLY A 156 6.08 -17.76 25.33
N ARG A 157 6.40 -18.47 26.41
CA ARG A 157 5.53 -19.53 26.95
C ARG A 157 4.22 -18.98 27.51
N ALA A 158 4.30 -17.95 28.35
CA ALA A 158 3.12 -17.38 29.02
C ALA A 158 2.10 -16.83 28.03
N GLU A 159 2.58 -16.13 27.00
CA GLU A 159 1.71 -15.60 25.95
C GLU A 159 1.06 -16.73 25.14
N ILE A 160 1.79 -17.83 24.97
CA ILE A 160 1.29 -19.00 24.25
C ILE A 160 0.43 -19.90 25.16
N ALA A 161 0.86 -20.12 26.40
CA ALA A 161 0.08 -20.89 27.38
C ALA A 161 -1.28 -20.26 27.65
N ALA A 162 -1.36 -18.93 27.53
CA ALA A 162 -2.62 -18.20 27.59
C ALA A 162 -3.53 -18.58 26.41
N CYS A 163 -3.06 -18.31 25.19
CA CYS A 163 -3.82 -18.65 23.96
C CYS A 163 -4.04 -20.16 23.78
N ALA A 164 -3.18 -20.98 24.38
CA ALA A 164 -3.33 -22.44 24.33
C ALA A 164 -4.50 -22.90 25.17
N ARG A 165 -4.52 -22.46 26.43
CA ARG A 165 -5.61 -22.76 27.37
C ARG A 165 -6.96 -22.23 26.94
N SER A 166 -6.96 -21.08 26.28
CA SER A 166 -8.19 -20.53 25.70
C SER A 166 -8.86 -21.59 24.83
N LEU A 167 -8.04 -22.24 24.01
CA LEU A 167 -8.51 -23.22 23.02
C LEU A 167 -8.97 -24.56 23.61
N GLU A 168 -8.70 -24.81 24.88
CA GLU A 168 -9.04 -26.11 25.48
C GLU A 168 -10.54 -26.40 25.36
N LYS A 169 -11.36 -25.36 25.54
CA LYS A 169 -12.81 -25.48 25.39
C LYS A 169 -13.19 -25.93 23.99
N ALA A 170 -12.63 -25.25 22.99
CA ALA A 170 -12.93 -25.53 21.59
C ALA A 170 -12.49 -26.95 21.19
N PHE A 171 -11.23 -27.27 21.46
CA PHE A 171 -10.69 -28.61 21.23
C PHE A 171 -11.54 -29.69 21.90
N ALA A 172 -11.93 -29.50 23.15
CA ALA A 172 -12.77 -30.48 23.86
C ALA A 172 -14.13 -30.69 23.19
N VAL A 173 -14.76 -29.61 22.75
CA VAL A 173 -16.04 -29.70 22.07
C VAL A 173 -15.92 -30.49 20.75
N LEU A 174 -14.90 -30.19 19.97
CA LEU A 174 -14.69 -30.90 18.72
C LEU A 174 -14.34 -32.38 18.98
N GLU A 175 -13.47 -32.61 19.97
CA GLU A 175 -13.06 -33.96 20.38
C GLU A 175 -14.25 -34.85 20.67
N THR A 176 -15.17 -34.33 21.46
CA THR A 176 -16.41 -35.04 21.79
C THR A 176 -17.29 -35.25 20.57
N HIS A 177 -17.34 -34.25 19.70
CA HIS A 177 -18.16 -34.36 18.48
C HIS A 177 -17.59 -35.45 17.56
N LEU A 178 -16.27 -35.61 17.55
CA LEU A 178 -15.62 -36.59 16.66
C LEU A 178 -15.44 -37.98 17.28
N ALA A 179 -16.15 -38.28 18.36
CA ALA A 179 -15.99 -39.58 19.03
C ALA A 179 -16.41 -40.72 18.11
N GLU A 180 -17.52 -40.54 17.40
CA GLU A 180 -18.05 -41.57 16.50
C GLU A 180 -18.14 -41.10 15.05
N ARG A 181 -17.37 -40.07 14.70
CA ARG A 181 -17.35 -39.51 13.34
CA ARG A 181 -17.36 -39.51 13.35
C ARG A 181 -15.93 -39.27 12.87
N ASP A 182 -15.72 -39.45 11.56
CA ASP A 182 -14.46 -39.10 10.90
C ASP A 182 -14.50 -37.67 10.39
N TYR A 183 -15.70 -37.14 10.16
CA TYR A 183 -15.86 -35.78 9.67
C TYR A 183 -16.96 -35.07 10.44
N VAL A 184 -16.96 -33.74 10.43
CA VAL A 184 -17.87 -32.99 11.31
C VAL A 184 -19.34 -33.12 10.89
N VAL A 185 -19.60 -33.22 9.58
CA VAL A 185 -20.96 -33.24 9.08
C VAL A 185 -21.14 -34.32 8.03
N GLY A 186 -22.22 -35.08 8.17
CA GLY A 186 -22.69 -36.01 7.14
C GLY A 186 -21.76 -37.17 6.79
N ASP A 187 -20.92 -37.58 7.74
CA ASP A 187 -19.97 -38.69 7.50
C ASP A 187 -19.18 -38.60 6.19
N ARG A 188 -18.84 -37.39 5.76
CA ARG A 188 -17.98 -37.22 4.61
C ARG A 188 -17.28 -35.87 4.77
N PHE A 189 -16.20 -35.69 4.02
CA PHE A 189 -15.45 -34.45 4.03
C PHE A 189 -16.31 -33.38 3.38
N THR A 190 -16.55 -32.29 4.08
CA THR A 190 -17.28 -31.15 3.50
C THR A 190 -16.49 -29.87 3.66
N VAL A 191 -17.04 -28.80 3.11
CA VAL A 191 -16.52 -27.45 3.33
C VAL A 191 -16.38 -27.12 4.83
N ALA A 192 -17.20 -27.72 5.70
CA ALA A 192 -17.03 -27.50 7.15
C ALA A 192 -15.71 -28.07 7.66
N ASP A 193 -15.34 -29.26 7.20
CA ASP A 193 -14.06 -29.82 7.58
C ASP A 193 -12.93 -28.96 7.04
N LEU A 194 -13.09 -28.46 5.81
CA LEU A 194 -12.03 -27.70 5.14
C LEU A 194 -11.79 -26.36 5.84
N ASN A 195 -12.88 -25.66 6.12
CA ASN A 195 -12.82 -24.39 6.87
C ASN A 195 -12.18 -24.59 8.24
N LEU A 196 -12.65 -25.59 8.98
CA LEU A 196 -12.09 -25.92 10.28
C LEU A 196 -10.63 -26.34 10.23
N ALA A 197 -10.29 -27.23 9.31
CA ALA A 197 -8.91 -27.71 9.21
C ALA A 197 -7.94 -26.54 9.05
N GLU A 198 -8.33 -25.55 8.27
CA GLU A 198 -7.45 -24.42 8.02
C GLU A 198 -7.29 -23.52 9.24
N VAL A 199 -8.35 -23.33 9.99
CA VAL A 199 -8.24 -22.61 11.26
C VAL A 199 -7.38 -23.40 12.24
N PHE A 200 -7.58 -24.71 12.29
CA PHE A 200 -6.83 -25.53 13.24
C PHE A 200 -5.38 -25.70 12.81
N ARG A 201 -5.08 -25.51 11.53
CA ARG A 201 -3.68 -25.55 11.06
C ARG A 201 -2.82 -24.53 11.79
N TYR A 202 -3.41 -23.39 12.16
CA TYR A 202 -2.73 -22.35 12.94
C TYR A 202 -2.30 -22.79 14.33
N THR A 203 -2.88 -23.87 14.84
CA THR A 203 -2.60 -24.33 16.20
C THR A 203 -1.57 -25.47 16.25
N MET A 204 -1.11 -25.93 15.09
CA MET A 204 -0.32 -27.16 15.01
C MET A 204 1.00 -27.11 15.75
N SER A 205 1.55 -25.91 15.96
CA SER A 205 2.74 -25.77 16.78
C SER A 205 2.52 -26.27 18.23
N GLN A 206 1.27 -26.27 18.68
CA GLN A 206 0.91 -26.70 20.04
C GLN A 206 0.80 -28.20 20.15
N THR A 207 1.95 -28.87 20.13
CA THR A 207 2.03 -30.32 20.15
C THR A 207 1.19 -30.94 21.28
N ASP A 208 1.27 -30.35 22.48
CA ASP A 208 0.61 -30.89 23.67
C ASP A 208 -0.91 -30.91 23.55
N LEU A 209 -1.44 -29.86 22.95
CA LEU A 209 -2.88 -29.69 22.79
C LEU A 209 -3.47 -30.81 21.92
N PHE A 210 -2.76 -31.13 20.85
CA PHE A 210 -3.16 -32.21 19.97
C PHE A 210 -3.02 -33.60 20.61
N LYS A 211 -1.98 -33.79 21.42
CA LYS A 211 -1.75 -35.08 22.06
C LYS A 211 -2.89 -35.50 22.99
N ARG A 212 -3.55 -34.53 23.61
CA ARG A 212 -4.66 -34.84 24.54
C ARG A 212 -6.03 -34.78 23.87
N HIS A 213 -6.04 -34.52 22.57
CA HIS A 213 -7.25 -34.57 21.76
C HIS A 213 -6.98 -35.40 20.50
N PRO A 214 -6.81 -36.73 20.67
CA PRO A 214 -6.41 -37.57 19.55
C PRO A 214 -7.42 -37.66 18.42
N GLN A 215 -8.71 -37.50 18.72
CA GLN A 215 -9.72 -37.51 17.66
C GLN A 215 -9.55 -36.28 16.78
N VAL A 216 -9.16 -35.14 17.36
CA VAL A 216 -8.93 -33.93 16.56
C VAL A 216 -7.63 -34.08 15.78
N LYS A 217 -6.63 -34.68 16.42
CA LYS A 217 -5.38 -34.96 15.73
C LYS A 217 -5.63 -35.85 14.49
N ALA A 218 -6.36 -36.94 14.67
CA ALA A 218 -6.64 -37.85 13.58
C ALA A 218 -7.45 -37.16 12.49
N TRP A 219 -8.44 -36.36 12.88
CA TRP A 219 -9.28 -35.66 11.93
C TRP A 219 -8.50 -34.68 11.07
N LEU A 220 -7.59 -33.94 11.69
CA LEU A 220 -6.82 -32.94 10.96
C LEU A 220 -5.84 -33.61 9.99
N ALA A 221 -5.21 -34.70 10.42
CA ALA A 221 -4.34 -35.46 9.50
C ALA A 221 -5.16 -35.98 8.32
N ARG A 222 -6.34 -36.53 8.62
CA ARG A 222 -7.31 -36.99 7.60
C ARG A 222 -7.61 -35.89 6.60
N CYS A 223 -7.87 -34.68 7.08
CA CYS A 223 -8.11 -33.56 6.18
C CYS A 223 -6.87 -33.20 5.33
N GLN A 224 -5.71 -33.21 5.95
CA GLN A 224 -4.48 -32.77 5.28
C GLN A 224 -3.82 -33.83 4.40
N SER A 225 -4.31 -35.07 4.48
CA SER A 225 -3.78 -36.11 3.60
C SER A 225 -4.40 -36.04 2.19
N ARG A 226 -5.38 -35.16 2.00
CA ARG A 226 -6.05 -35.00 0.70
C ARG A 226 -5.15 -34.35 -0.36
N PRO A 227 -5.23 -34.83 -1.62
CA PRO A 227 -4.38 -34.29 -2.71
C PRO A 227 -4.53 -32.78 -2.96
N ALA A 228 -5.74 -32.26 -2.90
CA ALA A 228 -5.93 -30.84 -3.16
C ALA A 228 -5.31 -29.98 -2.05
N PHE A 229 -5.21 -30.52 -0.84
CA PHE A 229 -4.50 -29.83 0.24
C PHE A 229 -3.01 -29.84 -0.04
N LYS A 230 -2.48 -31.04 -0.33
CA LYS A 230 -1.08 -31.20 -0.65
C LYS A 230 -0.66 -30.27 -1.75
N ALA A 231 -1.46 -30.22 -2.82
CA ALA A 231 -1.15 -29.39 -3.96
C ALA A 231 -1.26 -27.88 -3.64
N MET A 232 -2.12 -27.51 -2.70
CA MET A 232 -2.16 -26.12 -2.25
C MET A 232 -0.85 -25.78 -1.53
N MET A 233 -0.42 -26.65 -0.61
CA MET A 233 0.75 -26.37 0.21
C MET A 233 2.03 -26.39 -0.61
N GLU A 234 2.07 -27.18 -1.67
CA GLU A 234 3.21 -27.19 -2.59
C GLU A 234 3.32 -25.88 -3.36
N GLU A 235 2.19 -25.33 -3.82
CA GLU A 235 2.22 -24.01 -4.45
C GLU A 235 2.69 -22.97 -3.44
N ARG A 236 2.21 -23.12 -2.21
CA ARG A 236 2.49 -22.20 -1.12
C ARG A 236 3.97 -22.14 -0.79
N LEU A 237 4.61 -23.33 -0.77
CA LEU A 237 6.01 -23.47 -0.43
C LEU A 237 6.95 -22.72 -1.38
N LYS A 238 6.47 -22.47 -2.61
CA LYS A 238 7.25 -21.74 -3.62
C LYS A 238 7.40 -20.24 -3.36
N GLU A 239 6.56 -19.69 -2.49
CA GLU A 239 6.66 -18.28 -2.10
C GLU A 239 7.62 -18.16 -0.94
N PRO A 240 8.56 -17.21 -1.01
CA PRO A 240 9.44 -17.02 0.14
C PRO A 240 8.63 -16.61 1.36
N GLU A 241 9.12 -16.92 2.55
CA GLU A 241 8.41 -16.61 3.79
C GLU A 241 8.37 -15.11 4.01
N MET B 23 -42.47 -26.33 16.59
CA MET B 23 -42.20 -24.95 17.14
C MET B 23 -40.73 -24.76 17.51
N LEU B 24 -40.14 -23.72 16.94
CA LEU B 24 -38.78 -23.32 17.24
C LEU B 24 -38.61 -23.08 18.74
N THR B 25 -37.51 -23.58 19.32
CA THR B 25 -37.16 -23.22 20.67
C THR B 25 -35.89 -22.36 20.66
N ILE B 26 -35.94 -21.22 21.34
CA ILE B 26 -34.80 -20.36 21.47
C ILE B 26 -34.34 -20.39 22.92
N TYR B 27 -33.08 -20.77 23.13
CA TYR B 27 -32.49 -20.79 24.46
C TYR B 27 -31.63 -19.56 24.66
N GLY B 28 -31.91 -18.82 25.74
CA GLY B 28 -31.14 -17.65 26.11
C GLY B 28 -32.04 -16.50 26.53
N VAL B 29 -31.63 -15.76 27.55
CA VAL B 29 -32.31 -14.52 27.89
C VAL B 29 -32.17 -13.48 26.76
N TYR B 30 -33.08 -12.51 26.75
CA TYR B 30 -33.05 -11.43 25.79
C TYR B 30 -31.85 -10.51 25.99
N ARG B 31 -31.41 -10.38 27.24
CA ARG B 31 -30.19 -9.61 27.52
C ARG B 31 -28.96 -10.45 27.18
N SER B 32 -28.91 -10.86 25.92
CA SER B 32 -27.80 -11.64 25.41
C SER B 32 -27.85 -11.57 23.91
N ARG B 33 -26.91 -12.24 23.26
CA ARG B 33 -26.92 -12.36 21.81
C ARG B 33 -28.16 -13.07 21.29
N ALA B 34 -28.94 -13.71 22.16
CA ALA B 34 -30.19 -14.35 21.72
C ALA B 34 -31.21 -13.33 21.20
N SER B 35 -31.05 -12.07 21.59
CA SER B 35 -31.86 -10.96 21.05
C SER B 35 -31.87 -10.97 19.53
N ARG B 36 -30.73 -11.34 18.95
CA ARG B 36 -30.58 -11.51 17.51
C ARG B 36 -31.57 -12.51 16.93
N ASN B 37 -31.75 -13.63 17.62
CA ASN B 37 -32.61 -14.69 17.14
C ASN B 37 -34.07 -14.42 17.46
N TYR B 38 -34.34 -13.75 18.57
CA TYR B 38 -35.69 -13.32 18.90
C TYR B 38 -36.18 -12.28 17.88
N TRP B 39 -35.33 -11.32 17.52
CA TRP B 39 -35.72 -10.32 16.53
C TRP B 39 -36.01 -10.99 15.19
N MET B 40 -35.12 -11.88 14.76
CA MET B 40 -35.28 -12.56 13.48
C MET B 40 -36.56 -13.36 13.42
N ALA B 41 -36.84 -14.13 14.47
CA ALA B 41 -38.07 -14.92 14.53
C ALA B 41 -39.30 -14.03 14.40
N GLY B 42 -39.26 -12.88 15.08
CA GLY B 42 -40.33 -11.88 14.99
C GLY B 42 -40.47 -11.34 13.57
N GLU B 43 -39.36 -11.03 12.91
CA GLU B 43 -39.40 -10.55 11.53
C GLU B 43 -40.05 -11.59 10.60
N LEU B 44 -39.81 -12.87 10.89
CA LEU B 44 -40.35 -13.95 10.09
C LEU B 44 -41.75 -14.39 10.50
N GLY B 45 -42.29 -13.82 11.56
CA GLY B 45 -43.60 -14.23 12.07
C GLY B 45 -43.63 -15.66 12.58
N LEU B 46 -42.48 -16.17 13.00
CA LEU B 46 -42.36 -17.55 13.47
C LEU B 46 -42.85 -17.67 14.90
N PRO B 47 -43.67 -18.70 15.19
CA PRO B 47 -43.93 -18.98 16.60
C PRO B 47 -42.69 -19.61 17.21
N PHE B 48 -42.36 -19.25 18.43
CA PHE B 48 -41.22 -19.83 19.10
C PHE B 48 -41.49 -19.97 20.59
N ARG B 49 -40.73 -20.85 21.23
CA ARG B 49 -40.73 -21.00 22.68
C ARG B 49 -39.45 -20.36 23.22
N SER B 50 -39.59 -19.41 24.15
CA SER B 50 -38.43 -18.78 24.75
C SER B 50 -38.07 -19.52 26.03
N VAL B 51 -36.84 -20.03 26.11
CA VAL B 51 -36.35 -20.67 27.33
C VAL B 51 -35.24 -19.81 27.89
N PRO B 52 -35.51 -19.07 28.98
CA PRO B 52 -34.46 -18.23 29.55
C PRO B 52 -33.28 -19.09 30.03
N VAL B 53 -32.08 -18.70 29.62
CA VAL B 53 -30.84 -19.33 30.05
C VAL B 53 -29.90 -18.17 30.30
N VAL B 54 -29.41 -18.07 31.53
CA VAL B 54 -28.51 -16.98 31.86
C VAL B 54 -27.08 -17.42 31.78
N GLN B 55 -26.23 -16.41 31.74
CA GLN B 55 -24.80 -16.59 31.78
C GLN B 55 -24.44 -17.07 33.21
N ALA B 56 -23.66 -18.15 33.29
CA ALA B 56 -23.37 -18.80 34.58
C ALA B 56 -22.65 -17.88 35.57
N HIS B 57 -21.93 -16.89 35.04
CA HIS B 57 -21.23 -15.94 35.91
C HIS B 57 -22.16 -14.92 36.60
N ARG B 58 -23.39 -14.77 36.11
CA ARG B 58 -24.40 -13.92 36.77
C ARG B 58 -25.10 -14.62 37.95
N VAL B 59 -24.83 -15.92 38.12
CA VAL B 59 -25.53 -16.79 39.06
C VAL B 59 -24.61 -17.25 40.19
N ALA B 60 -25.10 -17.17 41.42
CA ALA B 60 -24.28 -17.49 42.59
C ALA B 60 -23.75 -18.95 42.66
N ASP B 61 -24.58 -19.92 42.28
CA ASP B 61 -24.19 -21.33 42.40
C ASP B 61 -24.79 -22.08 41.24
N PRO B 62 -24.16 -21.95 40.05
CA PRO B 62 -24.69 -22.41 38.76
C PRO B 62 -25.16 -23.86 38.71
N LEU B 63 -24.54 -24.73 39.50
CA LEU B 63 -24.85 -26.16 39.47
C LEU B 63 -25.83 -26.59 40.56
N ALA B 64 -26.18 -25.67 41.46
CA ALA B 64 -27.10 -26.01 42.54
C ALA B 64 -28.51 -26.22 41.98
N ALA B 65 -29.29 -27.04 42.69
CA ALA B 65 -30.62 -27.43 42.24
C ALA B 65 -31.56 -26.22 42.10
N ASP B 66 -31.47 -25.26 43.01
CA ASP B 66 -32.33 -24.06 42.94
C ASP B 66 -31.86 -23.00 41.94
N ALA B 67 -30.86 -23.31 41.13
CA ALA B 67 -30.27 -22.31 40.26
C ALA B 67 -31.18 -22.09 39.06
N PRO B 68 -31.24 -20.86 38.55
CA PRO B 68 -31.89 -20.65 37.25
C PRO B 68 -31.10 -21.34 36.14
N LEU B 69 -31.79 -21.78 35.10
CA LEU B 69 -31.13 -22.49 34.02
C LEU B 69 -30.05 -21.58 33.44
N ASN B 70 -28.86 -22.14 33.25
CA ASN B 70 -27.72 -21.35 32.87
C ASN B 70 -26.74 -22.14 32.02
N THR B 71 -25.73 -21.42 31.52
CA THR B 71 -24.81 -21.97 30.54
C THR B 71 -23.96 -23.10 31.08
N LYS B 72 -23.95 -23.30 32.40
CA LYS B 72 -23.23 -24.42 32.98
C LYS B 72 -24.15 -25.51 33.48
N SER B 73 -25.46 -25.35 33.28
CA SER B 73 -26.41 -26.36 33.72
C SER B 73 -26.29 -27.62 32.87
N PRO B 74 -26.19 -28.80 33.51
CA PRO B 74 -26.06 -30.05 32.72
C PRO B 74 -27.15 -30.24 31.68
N GLY B 75 -28.40 -29.92 32.04
CA GLY B 75 -29.52 -29.98 31.10
C GLY B 75 -29.28 -29.14 29.86
N PHE B 76 -28.77 -27.91 30.05
CA PHE B 76 -28.42 -27.07 28.93
C PHE B 76 -27.19 -27.57 28.18
N LEU B 77 -26.14 -27.98 28.91
CA LEU B 77 -24.92 -28.44 28.27
C LEU B 77 -25.17 -29.65 27.35
N ALA B 78 -26.19 -30.44 27.65
CA ALA B 78 -26.60 -31.55 26.81
C ALA B 78 -27.21 -31.08 25.47
N ILE B 79 -27.65 -29.82 25.41
CA ILE B 79 -28.17 -29.20 24.19
C ILE B 79 -27.04 -28.53 23.41
N ASN B 80 -26.38 -27.57 24.04
CA ASN B 80 -25.21 -26.93 23.47
C ASN B 80 -23.98 -27.24 24.35
N PRO B 81 -23.16 -28.21 23.92
CA PRO B 81 -21.91 -28.52 24.62
C PRO B 81 -20.94 -27.35 24.79
N MET B 82 -21.06 -26.32 23.95
CA MET B 82 -20.20 -25.14 24.09
C MET B 82 -20.58 -24.31 25.32
N GLY B 83 -21.80 -24.47 25.81
CA GLY B 83 -22.20 -23.78 27.03
C GLY B 83 -22.31 -22.29 26.77
N LEU B 84 -22.82 -21.95 25.60
CA LEU B 84 -23.06 -20.56 25.26
C LEU B 84 -24.44 -20.38 24.69
N ILE B 85 -24.91 -19.14 24.81
CA ILE B 85 -26.19 -18.75 24.32
C ILE B 85 -25.97 -17.68 23.26
N PRO B 86 -26.85 -17.63 22.24
CA PRO B 86 -28.03 -18.46 22.09
C PRO B 86 -27.79 -19.85 21.52
N ALA B 87 -28.78 -20.70 21.71
CA ALA B 87 -28.93 -21.90 20.92
C ALA B 87 -30.36 -21.90 20.45
N ILE B 88 -30.55 -22.33 19.22
CA ILE B 88 -31.89 -22.61 18.76
C ILE B 88 -32.01 -24.09 18.44
N GLU B 89 -33.20 -24.63 18.70
CA GLU B 89 -33.50 -26.01 18.36
C GLU B 89 -34.72 -26.03 17.45
N ASP B 90 -34.55 -26.66 16.30
CA ASP B 90 -35.57 -26.77 15.30
C ASP B 90 -35.69 -28.25 14.91
N ASP B 91 -36.71 -28.94 15.43
CA ASP B 91 -36.97 -30.35 15.07
C ASP B 91 -35.76 -31.26 15.35
N GLY B 92 -35.11 -31.06 16.50
CA GLY B 92 -33.91 -31.84 16.85
C GLY B 92 -32.61 -31.16 16.44
N LEU B 93 -32.63 -30.33 15.40
CA LEU B 93 -31.43 -29.63 14.96
C LEU B 93 -31.11 -28.49 15.92
N VAL B 94 -29.95 -28.59 16.59
CA VAL B 94 -29.48 -27.55 17.49
C VAL B 94 -28.36 -26.70 16.82
N LEU B 95 -28.57 -25.39 16.79
CA LEU B 95 -27.64 -24.42 16.20
C LEU B 95 -27.25 -23.39 17.24
N THR B 96 -25.97 -23.01 17.26
CA THR B 96 -25.41 -22.35 18.44
C THR B 96 -24.53 -21.15 18.13
N GLU B 97 -24.76 -20.51 16.98
CA GLU B 97 -24.02 -19.29 16.60
C GLU B 97 -24.99 -18.23 16.13
N SER B 98 -25.20 -17.22 16.98
CA SER B 98 -26.30 -16.28 16.81
C SER B 98 -26.47 -15.82 15.37
N LEU B 99 -25.41 -15.35 14.73
CA LEU B 99 -25.53 -14.70 13.43
C LEU B 99 -25.82 -15.71 12.35
N ALA B 100 -25.14 -16.87 12.44
CA ALA B 100 -25.40 -17.96 11.53
C ALA B 100 -26.78 -18.57 11.73
N ASN B 101 -27.28 -18.57 12.97
CA ASN B 101 -28.62 -19.06 13.24
C ASN B 101 -29.62 -18.26 12.40
N ASN B 102 -29.39 -16.96 12.31
CA ASN B 102 -30.27 -16.11 11.52
C ASN B 102 -30.20 -16.41 10.02
N LEU B 103 -29.01 -16.68 9.49
CA LEU B 103 -28.88 -17.08 8.10
C LEU B 103 -29.66 -18.35 7.81
N TYR B 104 -29.59 -19.31 8.72
CA TYR B 104 -30.33 -20.56 8.58
C TYR B 104 -31.83 -20.33 8.53
N LEU B 105 -32.33 -19.54 9.48
CA LEU B 105 -33.75 -19.20 9.57
C LEU B 105 -34.25 -18.51 8.29
N ALA B 106 -33.49 -17.53 7.80
CA ALA B 106 -33.84 -16.83 6.56
C ALA B 106 -33.92 -17.82 5.38
N ARG B 107 -32.91 -18.68 5.27
CA ARG B 107 -32.88 -19.65 4.17
C ARG B 107 -34.03 -20.64 4.24
N LYS B 108 -34.32 -21.13 5.44
CA LYS B 108 -35.39 -22.11 5.63
C LYS B 108 -36.77 -21.52 5.36
N HIS B 109 -37.01 -20.31 5.85
CA HIS B 109 -38.35 -19.75 5.82
C HIS B 109 -38.62 -18.77 4.69
N GLY B 110 -37.57 -18.21 4.10
CA GLY B 110 -37.75 -17.35 2.95
C GLY B 110 -38.32 -16.00 3.32
N GLY B 111 -38.99 -15.39 2.34
CA GLY B 111 -39.55 -14.05 2.49
C GLY B 111 -38.48 -13.06 2.14
N PRO B 112 -38.80 -11.75 2.27
CA PRO B 112 -37.90 -10.71 1.80
C PRO B 112 -36.57 -10.58 2.55
N LEU B 113 -36.47 -11.09 3.78
CA LEU B 113 -35.18 -11.02 4.50
C LEU B 113 -34.14 -12.02 3.98
N ALA B 114 -34.60 -13.01 3.22
CA ALA B 114 -33.72 -14.08 2.76
C ALA B 114 -33.03 -13.72 1.44
N PRO B 115 -31.89 -14.35 1.15
CA PRO B 115 -31.28 -14.15 -0.17
C PRO B 115 -32.19 -14.63 -1.26
N ALA B 116 -32.34 -13.83 -2.32
CA ALA B 116 -33.25 -14.17 -3.43
C ALA B 116 -32.57 -15.07 -4.46
N ASP B 117 -31.23 -15.05 -4.47
CA ASP B 117 -30.44 -15.86 -5.40
C ASP B 117 -29.03 -16.07 -4.83
N ILE B 118 -28.21 -16.83 -5.56
CA ILE B 118 -26.86 -17.22 -5.11
C ILE B 118 -25.96 -15.99 -4.87
N ARG B 119 -26.09 -14.98 -5.72
CA ARG B 119 -25.31 -13.76 -5.57
C ARG B 119 -25.63 -13.01 -4.26
N GLU B 120 -26.93 -12.88 -3.95
CA GLU B 120 -27.34 -12.24 -2.70
C GLU B 120 -26.93 -13.09 -1.49
N GLU B 121 -26.92 -14.41 -1.68
CA GLU B 121 -26.48 -15.33 -0.64
C GLU B 121 -25.01 -15.06 -0.35
N GLY B 122 -24.23 -14.88 -1.41
CA GLY B 122 -22.82 -14.51 -1.26
C GLY B 122 -22.65 -13.23 -0.46
N GLN B 123 -23.34 -12.18 -0.91
CA GLN B 123 -23.26 -10.86 -0.29
C GLN B 123 -23.71 -10.84 1.17
N ILE B 124 -24.84 -11.49 1.45
CA ILE B 124 -25.42 -11.57 2.79
C ILE B 124 -24.50 -12.33 3.73
N GLY B 125 -23.92 -13.41 3.21
CA GLY B 125 -22.91 -14.18 3.93
C GLY B 125 -21.63 -13.41 4.19
N ASN B 126 -21.21 -12.59 3.24
CA ASN B 126 -19.97 -11.84 3.35
C ASN B 126 -20.10 -10.77 4.45
N TRP B 127 -21.15 -9.96 4.34
CA TRP B 127 -21.46 -8.98 5.38
C TRP B 127 -21.61 -9.58 6.79
N THR B 128 -22.27 -10.72 6.89
CA THR B 128 -22.42 -11.37 8.19
C THR B 128 -21.08 -11.82 8.79
N MET B 129 -20.24 -12.43 7.97
CA MET B 129 -18.94 -12.89 8.45
C MET B 129 -18.01 -11.71 8.75
N TRP B 130 -18.11 -10.65 7.95
CA TRP B 130 -17.39 -9.42 8.19
C TRP B 130 -17.76 -8.83 9.58
N ALA B 131 -19.04 -8.77 9.87
CA ALA B 131 -19.51 -8.26 11.17
C ALA B 131 -18.98 -9.11 12.33
N ALA B 132 -19.02 -10.42 12.15
CA ALA B 132 -18.61 -11.39 13.18
C ALA B 132 -17.13 -11.35 13.47
N THR B 133 -16.32 -11.22 12.42
CA THR B 133 -14.87 -11.31 12.56
C THR B 133 -14.18 -9.95 12.63
N GLU B 134 -14.82 -8.93 12.10
CA GLU B 134 -14.16 -7.65 11.87
C GLU B 134 -14.76 -6.51 12.71
N VAL B 135 -15.95 -6.70 13.26
CA VAL B 135 -16.61 -5.63 14.03
C VAL B 135 -16.91 -6.05 15.48
N GLU B 136 -17.55 -7.20 15.62
CA GLU B 136 -18.07 -7.68 16.89
C GLU B 136 -17.05 -7.81 18.02
N PRO B 137 -15.84 -8.33 17.73
CA PRO B 137 -14.85 -8.48 18.81
C PRO B 137 -14.52 -7.17 19.49
N HIS B 138 -14.36 -6.11 18.70
CA HIS B 138 -14.09 -4.78 19.25
C HIS B 138 -15.34 -4.22 19.89
N ALA B 139 -16.49 -4.42 19.26
CA ALA B 139 -17.79 -3.98 19.78
C ALA B 139 -18.08 -4.57 21.15
N VAL B 140 -17.78 -5.86 21.29
CA VAL B 140 -18.02 -6.56 22.53
C VAL B 140 -17.18 -5.95 23.64
N LYS B 141 -15.94 -5.58 23.32
CA LYS B 141 -15.04 -5.00 24.34
C LYS B 141 -15.45 -3.59 24.79
N ILE B 142 -16.20 -2.89 23.93
CA ILE B 142 -16.77 -1.61 24.31
C ILE B 142 -17.85 -1.82 25.38
N VAL B 143 -18.80 -2.70 25.08
CA VAL B 143 -19.96 -2.97 25.95
C VAL B 143 -19.56 -3.60 27.28
N LEU B 144 -18.50 -4.41 27.27
CA LEU B 144 -18.06 -5.14 28.47
C LEU B 144 -17.39 -4.20 29.45
N ALA B 145 -16.64 -3.24 28.91
CA ALA B 145 -15.97 -2.23 29.70
C ALA B 145 -16.95 -1.11 30.08
N HIS B 146 -17.84 -0.77 29.14
CA HIS B 146 -18.78 0.35 29.32
C HIS B 146 -19.89 0.02 30.32
N ASP B 147 -20.48 -1.17 30.20
CA ASP B 147 -21.40 -1.67 31.23
C ASP B 147 -20.61 -1.81 32.54
N ASN B 148 -19.56 -2.63 32.53
CA ASN B 148 -18.76 -2.87 33.73
C ASN B 148 -17.67 -1.82 33.91
N THR B 153 -12.78 6.17 34.98
CA THR B 153 -11.33 6.22 35.09
C THR B 153 -10.73 7.02 33.94
N PRO B 154 -9.72 7.87 34.20
CA PRO B 154 -9.01 8.54 33.09
C PRO B 154 -8.30 7.57 32.13
N GLU B 155 -7.66 6.53 32.65
CA GLU B 155 -7.05 5.49 31.81
C GLU B 155 -8.10 4.56 31.19
N GLY B 156 -9.27 4.44 31.83
CA GLY B 156 -10.39 3.68 31.27
C GLY B 156 -10.93 4.29 29.98
N ARG B 157 -11.02 5.62 29.95
CA ARG B 157 -11.42 6.37 28.75
C ARG B 157 -10.38 6.24 27.61
N ALA B 158 -9.15 5.87 27.96
CA ALA B 158 -8.08 5.66 26.98
C ALA B 158 -8.09 4.25 26.36
N GLU B 159 -8.46 3.25 27.15
CA GLU B 159 -8.56 1.85 26.66
C GLU B 159 -9.69 1.70 25.63
N ILE B 160 -10.78 2.43 25.88
CA ILE B 160 -11.93 2.44 24.99
C ILE B 160 -11.60 3.09 23.65
N ALA B 161 -10.81 4.17 23.68
CA ALA B 161 -10.39 4.88 22.48
C ALA B 161 -9.55 3.99 21.55
N ALA B 162 -8.83 3.02 22.12
CA ALA B 162 -8.08 2.04 21.33
C ALA B 162 -9.06 1.18 20.53
N CYS B 163 -10.08 0.64 21.19
CA CYS B 163 -11.15 -0.11 20.52
C CYS B 163 -11.92 0.74 19.50
N ALA B 164 -12.25 1.96 19.91
CA ALA B 164 -12.93 2.92 19.02
C ALA B 164 -12.15 3.16 17.72
N ARG B 165 -10.83 3.28 17.84
CA ARG B 165 -9.96 3.44 16.65
C ARG B 165 -9.92 2.23 15.75
N SER B 166 -9.93 1.04 16.34
CA SER B 166 -10.00 -0.22 15.58
C SER B 166 -11.30 -0.36 14.79
N LEU B 167 -12.34 0.35 15.22
CA LEU B 167 -13.64 0.33 14.56
C LEU B 167 -13.79 1.38 13.45
N GLU B 168 -12.93 2.40 13.45
CA GLU B 168 -12.99 3.48 12.43
C GLU B 168 -13.00 2.87 11.04
N LYS B 169 -12.07 1.95 10.82
CA LYS B 169 -11.95 1.22 9.56
C LYS B 169 -13.28 0.62 9.12
N ALA B 170 -13.91 -0.13 10.03
CA ALA B 170 -15.14 -0.83 9.71
C ALA B 170 -16.29 0.15 9.45
N PHE B 171 -16.35 1.20 10.26
CA PHE B 171 -17.38 2.22 10.10
C PHE B 171 -17.22 2.89 8.74
N ALA B 172 -15.98 3.25 8.40
CA ALA B 172 -15.71 3.94 7.13
C ALA B 172 -16.15 3.11 5.94
N VAL B 173 -15.83 1.81 5.96
CA VAL B 173 -16.21 0.89 4.90
C VAL B 173 -17.73 0.80 4.76
N LEU B 174 -18.45 0.71 5.88
CA LEU B 174 -19.89 0.61 5.82
C LEU B 174 -20.48 1.95 5.39
N GLU B 175 -19.89 3.04 5.85
CA GLU B 175 -20.30 4.38 5.46
C GLU B 175 -20.23 4.58 3.94
N THR B 176 -19.12 4.19 3.33
CA THR B 176 -18.94 4.26 1.89
C THR B 176 -19.99 3.40 1.19
N HIS B 177 -20.10 2.15 1.60
CA HIS B 177 -21.13 1.26 1.03
C HIS B 177 -22.56 1.86 1.09
N LEU B 178 -22.84 2.66 2.11
CA LEU B 178 -24.18 3.24 2.31
C LEU B 178 -24.36 4.62 1.68
N ALA B 179 -23.37 5.11 0.96
CA ALA B 179 -23.48 6.45 0.38
C ALA B 179 -24.76 6.55 -0.43
N GLU B 180 -25.04 5.52 -1.24
CA GLU B 180 -26.23 5.52 -2.09
C GLU B 180 -27.06 4.25 -1.93
N ARG B 181 -27.06 3.72 -0.71
CA ARG B 181 -27.90 2.57 -0.32
C ARG B 181 -28.48 2.81 1.07
N ASP B 182 -29.70 2.32 1.29
CA ASP B 182 -30.35 2.40 2.59
C ASP B 182 -30.10 1.14 3.39
N TYR B 183 -29.83 0.04 2.68
CA TYR B 183 -29.59 -1.27 3.25
C TYR B 183 -28.41 -1.91 2.52
N VAL B 184 -27.74 -2.87 3.15
CA VAL B 184 -26.46 -3.38 2.63
C VAL B 184 -26.63 -4.21 1.36
N VAL B 185 -27.74 -4.93 1.23
CA VAL B 185 -27.95 -5.83 0.08
C VAL B 185 -29.34 -5.69 -0.52
N GLY B 186 -29.42 -5.71 -1.86
CA GLY B 186 -30.71 -5.76 -2.58
C GLY B 186 -31.70 -4.62 -2.39
N ASP B 187 -31.21 -3.48 -1.92
CA ASP B 187 -32.05 -2.30 -1.66
C ASP B 187 -33.32 -2.61 -0.85
N ARG B 188 -33.17 -3.42 0.19
CA ARG B 188 -34.27 -3.73 1.09
C ARG B 188 -33.68 -4.30 2.37
N PHE B 189 -34.47 -4.32 3.43
CA PHE B 189 -34.04 -4.86 4.71
C PHE B 189 -33.88 -6.38 4.57
N THR B 190 -32.68 -6.88 4.85
CA THR B 190 -32.47 -8.32 4.85
C THR B 190 -31.86 -8.80 6.17
N VAL B 191 -31.70 -10.11 6.27
CA VAL B 191 -31.00 -10.73 7.40
C VAL B 191 -29.58 -10.15 7.60
N ALA B 192 -28.94 -9.68 6.54
CA ALA B 192 -27.64 -9.04 6.69
C ALA B 192 -27.74 -7.73 7.48
N ASP B 193 -28.76 -6.93 7.20
CA ASP B 193 -28.97 -5.70 7.98
C ASP B 193 -29.24 -6.01 9.45
N LEU B 194 -30.06 -7.03 9.68
CA LEU B 194 -30.50 -7.38 11.03
C LEU B 194 -29.27 -7.86 11.81
N ASN B 195 -28.49 -8.74 11.17
CA ASN B 195 -27.25 -9.22 11.77
C ASN B 195 -26.29 -8.08 12.10
N LEU B 196 -26.05 -7.19 11.14
CA LEU B 196 -25.13 -6.06 11.36
C LEU B 196 -25.69 -5.11 12.40
N ALA B 197 -27.00 -4.84 12.32
CA ALA B 197 -27.63 -3.91 13.24
C ALA B 197 -27.38 -4.34 14.68
N GLU B 198 -27.48 -5.64 14.93
CA GLU B 198 -27.31 -6.14 16.28
C GLU B 198 -25.88 -6.09 16.76
N VAL B 199 -24.93 -6.34 15.88
CA VAL B 199 -23.53 -6.13 16.23
C VAL B 199 -23.25 -4.65 16.52
N PHE B 200 -23.77 -3.76 15.67
CA PHE B 200 -23.53 -2.32 15.79
C PHE B 200 -24.24 -1.67 16.98
N ARG B 201 -25.28 -2.32 17.48
CA ARG B 201 -25.96 -1.85 18.69
C ARG B 201 -25.00 -1.81 19.86
N TYR B 202 -24.12 -2.80 19.94
CA TYR B 202 -23.07 -2.83 20.97
C TYR B 202 -22.17 -1.60 20.93
N THR B 203 -22.14 -0.88 19.81
CA THR B 203 -21.26 0.29 19.71
C THR B 203 -21.96 1.61 19.97
N MET B 204 -23.26 1.56 20.27
CA MET B 204 -24.06 2.80 20.30
C MET B 204 -23.63 3.85 21.32
N SER B 205 -22.92 3.44 22.37
CA SER B 205 -22.37 4.39 23.35
C SER B 205 -21.38 5.36 22.70
N GLN B 206 -20.73 4.92 21.63
CA GLN B 206 -19.65 5.68 21.00
C GLN B 206 -20.22 6.76 20.07
N THR B 207 -20.80 7.79 20.66
CA THR B 207 -21.56 8.79 19.91
C THR B 207 -20.73 9.54 18.88
N ASP B 208 -19.44 9.76 19.15
CA ASP B 208 -18.59 10.49 18.21
C ASP B 208 -18.36 9.68 16.93
N LEU B 209 -18.25 8.37 17.08
CA LEU B 209 -18.08 7.47 15.96
C LEU B 209 -19.30 7.54 15.02
N PHE B 210 -20.50 7.57 15.60
CA PHE B 210 -21.75 7.68 14.83
C PHE B 210 -21.94 9.09 14.26
N LYS B 211 -21.51 10.09 15.01
CA LYS B 211 -21.58 11.45 14.51
C LYS B 211 -20.80 11.57 13.21
N ARG B 212 -19.63 10.94 13.16
CA ARG B 212 -18.72 11.09 12.01
C ARG B 212 -19.09 10.20 10.86
N HIS B 213 -20.05 9.29 11.10
CA HIS B 213 -20.54 8.36 10.08
C HIS B 213 -22.07 8.42 9.97
N PRO B 214 -22.60 9.56 9.50
CA PRO B 214 -24.04 9.83 9.55
C PRO B 214 -24.89 8.81 8.81
N GLN B 215 -24.34 8.23 7.75
CA GLN B 215 -25.05 7.23 6.95
C GLN B 215 -25.21 5.91 7.73
N VAL B 216 -24.20 5.53 8.50
CA VAL B 216 -24.32 4.38 9.40
C VAL B 216 -25.35 4.68 10.49
N LYS B 217 -25.30 5.89 11.03
CA LYS B 217 -26.27 6.26 12.06
C LYS B 217 -27.70 6.19 11.51
N ALA B 218 -27.91 6.73 10.31
CA ALA B 218 -29.22 6.68 9.66
C ALA B 218 -29.63 5.25 9.33
N TRP B 219 -28.69 4.42 8.86
CA TRP B 219 -28.98 3.01 8.58
C TRP B 219 -29.38 2.26 9.88
N LEU B 220 -28.65 2.50 10.96
CA LEU B 220 -29.00 1.83 12.21
C LEU B 220 -30.37 2.23 12.73
N ALA B 221 -30.69 3.52 12.65
CA ALA B 221 -32.01 4.02 13.11
C ALA B 221 -33.16 3.42 12.30
N ARG B 222 -32.95 3.33 10.98
CA ARG B 222 -33.87 2.71 10.02
C ARG B 222 -34.16 1.25 10.38
N CYS B 223 -33.10 0.47 10.68
CA CYS B 223 -33.27 -0.92 11.13
C CYS B 223 -34.02 -1.03 12.45
N GLN B 224 -33.73 -0.13 13.38
CA GLN B 224 -34.30 -0.18 14.73
C GLN B 224 -35.69 0.43 14.81
N SER B 225 -36.12 1.14 13.76
CA SER B 225 -37.47 1.69 13.73
C SER B 225 -38.53 0.60 13.48
N ARG B 226 -38.08 -0.59 13.06
CA ARG B 226 -38.97 -1.65 12.60
C ARG B 226 -39.78 -2.28 13.75
N PRO B 227 -41.05 -2.66 13.50
CA PRO B 227 -41.88 -3.15 14.60
C PRO B 227 -41.32 -4.37 15.33
N ALA B 228 -40.77 -5.34 14.60
CA ALA B 228 -40.21 -6.54 15.23
C ALA B 228 -39.05 -6.22 16.19
N PHE B 229 -38.29 -5.17 15.90
CA PHE B 229 -37.17 -4.78 16.76
C PHE B 229 -37.69 -4.18 18.05
N LYS B 230 -38.68 -3.30 17.91
CA LYS B 230 -39.32 -2.68 19.08
C LYS B 230 -39.95 -3.72 20.01
N ALA B 231 -40.60 -4.72 19.43
CA ALA B 231 -41.22 -5.77 20.22
C ALA B 231 -40.16 -6.63 20.91
N MET B 232 -39.03 -6.87 20.25
CA MET B 232 -37.95 -7.63 20.88
C MET B 232 -37.38 -6.86 22.08
N MET B 233 -37.16 -5.56 21.89
CA MET B 233 -36.58 -4.71 22.94
C MET B 233 -37.53 -4.46 24.11
N GLU B 234 -38.84 -4.54 23.85
CA GLU B 234 -39.85 -4.45 24.92
C GLU B 234 -39.82 -5.67 25.86
N GLU B 235 -39.68 -6.88 25.30
CA GLU B 235 -39.50 -8.09 26.10
C GLU B 235 -38.19 -8.02 26.87
N ARG B 236 -37.15 -7.64 26.16
CA ARG B 236 -35.82 -7.47 26.73
C ARG B 236 -35.86 -6.62 28.00
N LEU B 237 -36.59 -5.51 27.93
CA LEU B 237 -36.68 -4.55 29.01
C LEU B 237 -37.37 -5.11 30.27
N LYS B 238 -38.15 -6.18 30.14
CA LYS B 238 -38.75 -6.85 31.31
C LYS B 238 -37.73 -7.57 32.19
N GLU B 239 -36.65 -8.06 31.58
CA GLU B 239 -35.63 -8.80 32.32
C GLU B 239 -34.83 -7.84 33.19
N PRO B 240 -34.55 -8.22 34.44
CA PRO B 240 -34.01 -7.27 35.42
C PRO B 240 -32.80 -6.47 34.93
N GLU B 241 -31.64 -7.13 34.78
CA GLU B 241 -30.38 -6.51 34.31
C GLU B 241 -29.17 -7.16 34.97
N MET C 23 5.67 11.64 -35.90
CA MET C 23 4.83 12.30 -34.85
C MET C 23 5.22 11.85 -33.45
N LEU C 24 5.06 12.75 -32.48
CA LEU C 24 5.35 12.44 -31.09
C LEU C 24 4.30 11.53 -30.46
N THR C 25 4.75 10.50 -29.74
CA THR C 25 3.86 9.64 -28.97
C THR C 25 4.18 9.77 -27.49
N ILE C 26 3.14 10.05 -26.69
CA ILE C 26 3.27 10.15 -25.24
C ILE C 26 2.51 9.02 -24.57
N TYR C 27 3.26 8.23 -23.79
CA TYR C 27 2.72 7.10 -23.06
C TYR C 27 2.49 7.44 -21.60
N GLY C 28 1.22 7.37 -21.19
CA GLY C 28 0.86 7.59 -19.79
C GLY C 28 -0.46 8.32 -19.69
N VAL C 29 -1.25 7.98 -18.68
CA VAL C 29 -2.46 8.75 -18.36
C VAL C 29 -2.09 10.17 -17.93
N TYR C 30 -3.05 11.09 -18.06
CA TYR C 30 -2.85 12.48 -17.65
C TYR C 30 -2.70 12.57 -16.13
N ARG C 31 -3.34 11.66 -15.41
CA ARG C 31 -3.26 11.62 -13.94
C ARG C 31 -1.98 10.90 -13.51
N SER C 32 -0.86 11.51 -13.87
CA SER C 32 0.49 10.99 -13.64
C SER C 32 1.46 12.08 -14.06
N ARG C 33 2.75 11.84 -13.84
CA ARG C 33 3.78 12.76 -14.27
C ARG C 33 3.80 13.00 -15.78
N ALA C 34 3.08 12.16 -16.54
CA ALA C 34 2.96 12.39 -17.99
C ALA C 34 2.34 13.74 -18.31
N SER C 35 1.57 14.28 -17.36
CA SER C 35 0.98 15.61 -17.48
C SER C 35 2.05 16.66 -17.82
N ARG C 36 3.23 16.49 -17.26
CA ARG C 36 4.35 17.38 -17.56
C ARG C 36 4.64 17.41 -19.04
N ASN C 37 4.57 16.25 -19.69
CA ASN C 37 4.90 16.19 -21.13
C ASN C 37 3.76 16.60 -22.03
N TYR C 38 2.52 16.36 -21.59
CA TYR C 38 1.33 16.84 -22.30
C TYR C 38 1.27 18.38 -22.32
N TRP C 39 1.51 19.01 -21.18
CA TRP C 39 1.58 20.45 -21.11
C TRP C 39 2.67 20.98 -22.03
N MET C 40 3.88 20.45 -21.91
CA MET C 40 4.99 20.91 -22.77
C MET C 40 4.64 20.81 -24.26
N ALA C 41 4.08 19.68 -24.67
CA ALA C 41 3.73 19.49 -26.08
C ALA C 41 2.73 20.56 -26.51
N GLY C 42 1.83 20.92 -25.60
CA GLY C 42 0.83 21.96 -25.85
C GLY C 42 1.50 23.31 -26.01
N GLU C 43 2.42 23.64 -25.10
CA GLU C 43 3.17 24.89 -25.19
C GLU C 43 3.93 25.01 -26.51
N LEU C 44 4.54 23.92 -26.96
CA LEU C 44 5.26 23.93 -28.23
C LEU C 44 4.39 23.85 -29.49
N GLY C 45 3.10 23.58 -29.32
CA GLY C 45 2.22 23.42 -30.47
C GLY C 45 2.43 22.12 -31.19
N LEU C 46 2.99 21.12 -30.51
CA LEU C 46 3.24 19.84 -31.15
C LEU C 46 1.99 18.99 -31.23
N PRO C 47 1.77 18.37 -32.39
CA PRO C 47 0.79 17.30 -32.41
C PRO C 47 1.38 16.10 -31.70
N PHE C 48 0.53 15.25 -31.13
CA PHE C 48 1.02 14.05 -30.50
C PHE C 48 -0.07 13.02 -30.41
N ARG C 49 0.35 11.76 -30.33
CA ARG C 49 -0.55 10.67 -30.05
C ARG C 49 -0.45 10.39 -28.56
N SER C 50 -1.60 10.22 -27.92
CA SER C 50 -1.65 9.80 -26.53
C SER C 50 -1.97 8.31 -26.48
N VAL C 51 -1.16 7.58 -25.72
CA VAL C 51 -1.44 6.19 -25.41
C VAL C 51 -1.62 6.14 -23.90
N PRO C 52 -2.87 6.02 -23.43
CA PRO C 52 -3.07 6.07 -21.99
C PRO C 52 -2.64 4.76 -21.32
N VAL C 53 -1.52 4.81 -20.62
CA VAL C 53 -1.00 3.71 -19.84
C VAL C 53 -1.24 4.08 -18.39
N VAL C 54 -1.88 3.20 -17.62
CA VAL C 54 -2.11 3.47 -16.18
C VAL C 54 -1.05 2.87 -15.28
N GLN C 55 -0.89 3.50 -14.12
CA GLN C 55 -0.07 2.95 -13.05
C GLN C 55 -0.62 1.59 -12.66
N ALA C 56 0.26 0.59 -12.64
CA ALA C 56 -0.15 -0.79 -12.34
C ALA C 56 -0.78 -0.92 -10.97
N HIS C 57 -0.34 -0.11 -10.00
CA HIS C 57 -0.96 -0.12 -8.67
C HIS C 57 -2.40 0.41 -8.61
N ARG C 58 -2.85 1.04 -9.69
CA ARG C 58 -4.25 1.45 -9.80
C ARG C 58 -5.10 0.37 -10.49
N VAL C 59 -4.49 -0.75 -10.86
CA VAL C 59 -5.20 -1.86 -11.47
C VAL C 59 -5.22 -3.03 -10.50
N ALA C 60 -6.40 -3.64 -10.35
CA ALA C 60 -6.59 -4.77 -9.47
C ALA C 60 -5.71 -5.94 -9.91
N ASP C 61 -5.80 -6.29 -11.19
CA ASP C 61 -5.13 -7.46 -11.75
C ASP C 61 -4.38 -7.07 -13.02
N PRO C 62 -3.17 -6.51 -12.85
CA PRO C 62 -2.45 -5.88 -13.96
C PRO C 62 -2.12 -6.79 -15.13
N LEU C 63 -1.94 -8.08 -14.87
CA LEU C 63 -1.51 -9.03 -15.91
C LEU C 63 -2.65 -9.81 -16.56
N ALA C 64 -3.90 -9.43 -16.29
CA ALA C 64 -5.03 -10.09 -16.95
C ALA C 64 -5.08 -9.74 -18.43
N ALA C 65 -5.62 -10.66 -19.23
CA ALA C 65 -5.79 -10.47 -20.67
C ALA C 65 -6.71 -9.29 -21.00
N ASP C 66 -7.62 -8.98 -20.09
CA ASP C 66 -8.54 -7.84 -20.24
C ASP C 66 -8.14 -6.62 -19.38
N ALA C 67 -6.88 -6.58 -18.93
CA ALA C 67 -6.39 -5.45 -18.14
C ALA C 67 -6.20 -4.22 -19.02
N PRO C 68 -6.53 -3.02 -18.51
CA PRO C 68 -6.12 -1.85 -19.27
C PRO C 68 -4.62 -1.83 -19.43
N LEU C 69 -4.13 -1.31 -20.55
CA LEU C 69 -2.70 -1.18 -20.75
C LEU C 69 -2.15 -0.44 -19.54
N ASN C 70 -1.14 -1.02 -18.89
CA ASN C 70 -0.60 -0.47 -17.65
C ASN C 70 0.91 -0.63 -17.58
N THR C 71 1.51 -0.10 -16.53
CA THR C 71 2.98 -0.07 -16.44
C THR C 71 3.61 -1.44 -16.33
N LYS C 72 2.83 -2.45 -15.94
CA LYS C 72 3.34 -3.82 -15.89
C LYS C 72 2.98 -4.67 -17.14
N SER C 73 2.29 -4.08 -18.12
CA SER C 73 1.92 -4.82 -19.33
C SER C 73 3.21 -5.13 -20.10
N PRO C 74 3.34 -6.35 -20.65
CA PRO C 74 4.59 -6.67 -21.35
C PRO C 74 4.82 -5.77 -22.56
N GLY C 75 3.74 -5.39 -23.23
CA GLY C 75 3.79 -4.42 -24.32
C GLY C 75 4.50 -3.13 -23.91
N PHE C 76 4.17 -2.63 -22.73
CA PHE C 76 4.75 -1.38 -22.25
C PHE C 76 6.18 -1.52 -21.76
N LEU C 77 6.45 -2.60 -21.03
CA LEU C 77 7.81 -2.89 -20.54
C LEU C 77 8.83 -3.05 -21.68
N ALA C 78 8.37 -3.54 -22.84
CA ALA C 78 9.22 -3.58 -24.04
C ALA C 78 9.62 -2.16 -24.50
N ILE C 79 8.76 -1.19 -24.23
CA ILE C 79 9.03 0.22 -24.56
C ILE C 79 9.84 0.92 -23.48
N ASN C 80 9.39 0.81 -22.23
CA ASN C 80 10.14 1.34 -21.08
C ASN C 80 10.38 0.25 -20.03
N PRO C 81 11.56 -0.41 -20.07
CA PRO C 81 11.79 -1.52 -19.13
C PRO C 81 11.78 -1.09 -17.65
N MET C 82 11.89 0.20 -17.39
CA MET C 82 11.78 0.70 -16.03
C MET C 82 10.33 0.55 -15.51
N GLY C 83 9.37 0.46 -16.42
CA GLY C 83 7.98 0.21 -16.03
C GLY C 83 7.34 1.37 -15.30
N LEU C 84 7.59 2.57 -15.79
CA LEU C 84 7.03 3.78 -15.23
C LEU C 84 6.58 4.69 -16.35
N ILE C 85 5.68 5.62 -16.02
CA ILE C 85 5.23 6.64 -16.96
C ILE C 85 5.65 8.03 -16.49
N PRO C 86 5.88 8.96 -17.45
CA PRO C 86 5.73 8.76 -18.89
C PRO C 86 6.91 8.13 -19.61
N ALA C 87 6.64 7.64 -20.80
CA ALA C 87 7.66 7.47 -21.83
C ALA C 87 7.19 8.30 -23.00
N ILE C 88 8.12 8.89 -23.74
CA ILE C 88 7.77 9.52 -25.00
C ILE C 88 8.58 8.86 -26.09
N GLU C 89 7.98 8.72 -27.26
CA GLU C 89 8.69 8.18 -28.42
C GLU C 89 8.66 9.25 -29.50
N ASP C 90 9.85 9.53 -30.03
CA ASP C 90 10.03 10.59 -31.03
C ASP C 90 11.03 10.08 -32.09
N ASP C 91 10.51 9.70 -33.25
CA ASP C 91 11.33 9.25 -34.37
C ASP C 91 12.25 8.08 -33.99
N GLY C 92 11.68 7.11 -33.27
CA GLY C 92 12.42 5.92 -32.85
C GLY C 92 13.09 6.06 -31.50
N LEU C 93 13.23 7.30 -31.01
CA LEU C 93 13.91 7.53 -29.74
C LEU C 93 12.91 7.50 -28.59
N VAL C 94 13.12 6.59 -27.65
CA VAL C 94 12.28 6.52 -26.45
C VAL C 94 12.95 7.21 -25.27
N LEU C 95 12.23 8.12 -24.62
CA LEU C 95 12.75 8.82 -23.46
C LEU C 95 11.79 8.64 -22.28
N THR C 96 12.35 8.47 -21.09
CA THR C 96 11.60 7.90 -19.96
C THR C 96 11.77 8.64 -18.64
N GLU C 97 12.00 9.95 -18.71
CA GLU C 97 12.20 10.79 -17.52
C GLU C 97 11.50 12.12 -17.69
N SER C 98 10.37 12.30 -17.01
CA SER C 98 9.43 13.37 -17.28
C SER C 98 10.07 14.74 -17.46
N LEU C 99 10.95 15.12 -16.55
CA LEU C 99 11.47 16.49 -16.58
C LEU C 99 12.53 16.62 -17.67
N ALA C 100 13.34 15.58 -17.84
CA ALA C 100 14.39 15.60 -18.87
C ALA C 100 13.77 15.49 -20.25
N ASN C 101 12.62 14.81 -20.33
CA ASN C 101 11.85 14.74 -21.55
C ASN C 101 11.52 16.15 -22.03
N ASN C 102 11.12 17.03 -21.10
CA ASN C 102 10.77 18.40 -21.48
C ASN C 102 11.98 19.20 -21.96
N LEU C 103 13.14 19.02 -21.31
CA LEU C 103 14.37 19.70 -21.74
C LEU C 103 14.76 19.27 -23.15
N TYR C 104 14.61 17.99 -23.44
CA TYR C 104 14.86 17.49 -24.77
C TYR C 104 13.90 18.11 -25.78
N LEU C 105 12.61 18.16 -25.46
CA LEU C 105 11.64 18.75 -26.38
C LEU C 105 11.92 20.23 -26.64
N ALA C 106 12.24 20.97 -25.58
CA ALA C 106 12.60 22.37 -25.72
C ALA C 106 13.79 22.50 -26.64
N ARG C 107 14.83 21.74 -26.36
CA ARG C 107 16.07 21.86 -27.13
C ARG C 107 15.86 21.50 -28.60
N LYS C 108 15.02 20.51 -28.86
CA LYS C 108 14.81 20.05 -30.20
C LYS C 108 14.00 21.06 -31.03
N HIS C 109 12.96 21.63 -30.44
CA HIS C 109 11.98 22.45 -31.16
C HIS C 109 12.18 23.94 -30.99
N GLY C 110 12.96 24.35 -29.99
CA GLY C 110 13.27 25.75 -29.79
C GLY C 110 12.07 26.60 -29.40
N GLY C 111 12.10 27.87 -29.79
CA GLY C 111 11.08 28.82 -29.37
C GLY C 111 11.40 29.39 -28.00
N PRO C 112 10.50 30.23 -27.47
CA PRO C 112 10.82 30.97 -26.25
C PRO C 112 11.03 30.11 -25.02
N LEU C 113 10.44 28.91 -24.97
CA LEU C 113 10.60 28.05 -23.80
C LEU C 113 11.99 27.46 -23.65
N ALA C 114 12.75 27.44 -24.74
CA ALA C 114 14.05 26.79 -24.74
C ALA C 114 15.15 27.73 -24.30
N PRO C 115 16.27 27.16 -23.80
CA PRO C 115 17.44 27.99 -23.56
C PRO C 115 17.88 28.70 -24.83
N ALA C 116 18.11 30.00 -24.75
CA ALA C 116 18.60 30.79 -25.89
C ALA C 116 20.12 30.69 -26.05
N ASP C 117 20.83 30.31 -25.00
CA ASP C 117 22.29 30.16 -25.09
C ASP C 117 22.79 29.19 -24.02
N ILE C 118 24.11 29.02 -23.95
CA ILE C 118 24.70 28.05 -23.06
C ILE C 118 24.48 28.43 -21.59
N ARG C 119 24.54 29.73 -21.30
CA ARG C 119 24.26 30.22 -19.96
C ARG C 119 22.86 29.86 -19.47
N GLU C 120 21.85 30.07 -20.31
CA GLU C 120 20.48 29.70 -19.97
C GLU C 120 20.31 28.18 -19.92
N GLU C 121 21.07 27.46 -20.74
CA GLU C 121 21.02 26.00 -20.71
C GLU C 121 21.48 25.50 -19.34
N GLY C 122 22.57 26.06 -18.83
CA GLY C 122 23.01 25.81 -17.48
C GLY C 122 21.96 26.16 -16.43
N GLN C 123 21.42 27.37 -16.46
CA GLN C 123 20.43 27.78 -15.46
C GLN C 123 19.17 26.91 -15.49
N ILE C 124 18.70 26.61 -16.70
CA ILE C 124 17.48 25.82 -16.89
C ILE C 124 17.70 24.38 -16.43
N GLY C 125 18.87 23.82 -16.73
CA GLY C 125 19.22 22.47 -16.28
C GLY C 125 19.40 22.41 -14.78
N ASN C 126 19.93 23.49 -14.21
CA ASN C 126 20.14 23.58 -12.79
C ASN C 126 18.80 23.56 -12.02
N TRP C 127 17.88 24.44 -12.39
CA TRP C 127 16.57 24.50 -11.73
C TRP C 127 15.80 23.18 -11.87
N THR C 128 15.87 22.59 -13.06
CA THR C 128 15.16 21.36 -13.32
C THR C 128 15.69 20.24 -12.42
N MET C 129 17.02 20.13 -12.31
CA MET C 129 17.63 19.11 -11.48
C MET C 129 17.40 19.37 -9.99
N TRP C 130 17.42 20.63 -9.60
CA TRP C 130 17.10 21.04 -8.22
C TRP C 130 15.68 20.57 -7.84
N ALA C 131 14.73 20.76 -8.76
CA ALA C 131 13.36 20.33 -8.57
C ALA C 131 13.30 18.82 -8.38
N ALA C 132 13.97 18.12 -9.29
CA ALA C 132 14.02 16.68 -9.29
C ALA C 132 14.55 16.10 -7.99
N THR C 133 15.61 16.68 -7.43
CA THR C 133 16.35 16.03 -6.36
C THR C 133 16.06 16.64 -5.00
N GLU C 134 15.58 17.88 -4.95
CA GLU C 134 15.39 18.57 -3.67
C GLU C 134 13.94 18.88 -3.34
N VAL C 135 13.05 18.85 -4.32
CA VAL C 135 11.66 19.18 -4.06
C VAL C 135 10.74 17.99 -4.33
N GLU C 136 10.89 17.38 -5.50
CA GLU C 136 9.99 16.34 -5.93
C GLU C 136 9.77 15.17 -4.95
N PRO C 137 10.86 14.59 -4.37
CA PRO C 137 10.66 13.46 -3.45
C PRO C 137 9.67 13.75 -2.32
N HIS C 138 9.84 14.89 -1.65
CA HIS C 138 8.93 15.28 -0.56
C HIS C 138 7.55 15.67 -1.08
N ALA C 139 7.50 16.34 -2.23
CA ALA C 139 6.25 16.78 -2.85
C ALA C 139 5.35 15.61 -3.24
N VAL C 140 5.93 14.59 -3.87
CA VAL C 140 5.19 13.40 -4.25
C VAL C 140 4.58 12.70 -3.04
N LYS C 141 5.29 12.72 -1.90
CA LYS C 141 4.79 12.15 -0.66
C LYS C 141 3.58 12.92 -0.15
N ILE C 142 3.58 14.24 -0.36
CA ILE C 142 2.44 15.06 0.06
C ILE C 142 1.20 14.75 -0.77
N VAL C 143 1.33 14.72 -2.09
CA VAL C 143 0.15 14.52 -2.92
C VAL C 143 -0.41 13.09 -2.77
N LEU C 144 0.48 12.11 -2.60
CA LEU C 144 0.09 10.72 -2.36
C LEU C 144 -0.71 10.60 -1.07
N ALA C 145 -0.18 11.19 0.00
CA ALA C 145 -0.85 11.22 1.30
C ALA C 145 -2.18 11.95 1.27
N HIS C 146 -2.29 12.99 0.43
CA HIS C 146 -3.52 13.77 0.31
C HIS C 146 -4.69 12.92 -0.17
N ASP C 147 -4.40 11.87 -0.94
CA ASP C 147 -5.31 10.73 -1.05
C ASP C 147 -5.32 10.01 0.30
N THR C 153 -6.30 11.86 10.95
CA THR C 153 -6.51 13.31 10.91
C THR C 153 -5.60 14.07 11.89
N PRO C 154 -5.55 13.66 13.18
CA PRO C 154 -4.49 14.19 14.05
C PRO C 154 -3.18 13.42 13.90
N GLU C 155 -3.27 12.12 13.63
CA GLU C 155 -2.08 11.28 13.40
C GLU C 155 -1.54 11.43 11.99
N GLY C 156 -2.41 11.27 11.00
CA GLY C 156 -2.04 11.38 9.59
C GLY C 156 -1.51 12.75 9.20
N ARG C 157 -1.95 13.79 9.90
CA ARG C 157 -1.47 15.16 9.71
C ARG C 157 -0.04 15.40 10.23
N ALA C 158 0.39 14.56 11.18
CA ALA C 158 1.76 14.62 11.69
C ALA C 158 2.76 14.31 10.58
N GLU C 159 2.56 13.17 9.93
CA GLU C 159 3.34 12.76 8.74
C GLU C 159 3.49 13.88 7.71
N ILE C 160 2.40 14.62 7.49
CA ILE C 160 2.35 15.66 6.46
C ILE C 160 3.25 16.84 6.79
N ALA C 161 3.20 17.31 8.05
CA ALA C 161 4.01 18.44 8.53
C ALA C 161 5.51 18.19 8.49
N ALA C 162 5.92 16.91 8.53
CA ALA C 162 7.32 16.53 8.35
C ALA C 162 7.75 16.83 6.91
N CYS C 163 7.01 16.33 5.94
CA CYS C 163 7.33 16.57 4.53
C CYS C 163 7.18 18.05 4.12
N ALA C 164 6.28 18.77 4.79
CA ALA C 164 6.07 20.19 4.52
C ALA C 164 7.25 21.02 5.04
N ARG C 165 7.68 20.73 6.27
CA ARG C 165 8.86 21.39 6.83
C ARG C 165 10.14 21.09 6.07
N SER C 166 10.24 19.87 5.54
CA SER C 166 11.35 19.51 4.65
C SER C 166 11.45 20.48 3.47
N LEU C 167 10.29 20.88 2.95
CA LEU C 167 10.20 21.81 1.81
C LEU C 167 10.44 23.29 2.16
N GLU C 168 10.54 23.63 3.44
CA GLU C 168 10.75 25.04 3.84
C GLU C 168 11.96 25.68 3.19
N LYS C 169 13.08 24.96 3.18
CA LYS C 169 14.32 25.53 2.64
C LYS C 169 14.22 25.73 1.13
N ALA C 170 13.58 24.80 0.45
CA ALA C 170 13.39 24.89 -1.00
C ALA C 170 12.50 26.06 -1.36
N PHE C 171 11.42 26.22 -0.62
CA PHE C 171 10.48 27.32 -0.84
C PHE C 171 11.15 28.67 -0.59
N ALA C 172 11.97 28.74 0.46
CA ALA C 172 12.70 29.97 0.76
C ALA C 172 13.71 30.33 -0.33
N VAL C 173 14.35 29.33 -0.93
CA VAL C 173 15.32 29.58 -2.00
C VAL C 173 14.63 30.15 -3.24
N LEU C 174 13.50 29.54 -3.64
CA LEU C 174 12.75 30.06 -4.77
C LEU C 174 12.16 31.46 -4.50
N GLU C 175 11.58 31.62 -3.32
CA GLU C 175 11.04 32.92 -2.88
C GLU C 175 12.05 34.04 -3.12
N THR C 176 13.24 33.88 -2.54
CA THR C 176 14.35 34.82 -2.72
C THR C 176 14.68 35.08 -4.20
N HIS C 177 14.76 34.02 -4.98
CA HIS C 177 15.09 34.16 -6.40
C HIS C 177 14.02 34.94 -7.15
N LEU C 178 12.79 34.88 -6.66
CA LEU C 178 11.65 35.53 -7.30
C LEU C 178 11.33 36.93 -6.76
N ALA C 179 12.20 37.50 -5.93
CA ALA C 179 11.90 38.81 -5.33
C ALA C 179 11.75 39.91 -6.38
N GLU C 180 12.45 39.74 -7.51
CA GLU C 180 12.46 40.70 -8.60
C GLU C 180 12.37 40.04 -9.97
N ARG C 181 11.84 38.80 -10.00
CA ARG C 181 11.58 38.05 -11.22
CA ARG C 181 11.58 38.07 -11.23
C ARG C 181 10.22 37.39 -11.14
N ASP C 182 9.56 37.29 -12.28
CA ASP C 182 8.28 36.60 -12.37
C ASP C 182 8.48 35.18 -12.89
N TYR C 183 9.69 34.90 -13.34
CA TYR C 183 10.06 33.59 -13.89
C TYR C 183 11.49 33.29 -13.47
N VAL C 184 11.88 32.02 -13.52
CA VAL C 184 13.17 31.61 -12.92
C VAL C 184 14.39 31.95 -13.79
N VAL C 185 14.21 31.92 -15.12
CA VAL C 185 15.28 32.21 -16.08
C VAL C 185 14.80 33.19 -17.18
N GLY C 186 15.64 34.18 -17.48
CA GLY C 186 15.42 35.07 -18.63
C GLY C 186 14.19 35.95 -18.58
N ASP C 187 13.61 36.13 -17.40
CA ASP C 187 12.34 36.87 -17.24
C ASP C 187 11.26 36.56 -18.27
N ARG C 188 11.15 35.30 -18.65
CA ARG C 188 10.06 34.84 -19.48
C ARG C 188 9.77 33.41 -19.05
N PHE C 189 8.58 32.93 -19.36
CA PHE C 189 8.22 31.54 -19.07
C PHE C 189 9.10 30.61 -19.92
N THR C 190 9.76 29.67 -19.27
CA THR C 190 10.58 28.70 -20.00
C THR C 190 10.24 27.30 -19.53
N VAL C 191 10.84 26.33 -20.17
CA VAL C 191 10.72 24.96 -19.74
C VAL C 191 11.07 24.79 -18.27
N ALA C 192 11.99 25.61 -17.75
CA ALA C 192 12.31 25.56 -16.33
C ALA C 192 11.09 25.83 -15.45
N ASP C 193 10.31 26.86 -15.79
CA ASP C 193 9.12 27.20 -14.99
C ASP C 193 8.06 26.09 -15.09
N LEU C 194 7.92 25.52 -16.27
CA LEU C 194 6.95 24.47 -16.52
C LEU C 194 7.31 23.28 -15.65
N ASN C 195 8.57 22.90 -15.70
CA ASN C 195 9.05 21.80 -14.91
C ASN C 195 8.83 22.02 -13.44
N LEU C 196 9.23 23.19 -12.95
CA LEU C 196 9.06 23.51 -11.53
C LEU C 196 7.60 23.53 -11.15
N ALA C 197 6.77 24.15 -11.99
CA ALA C 197 5.34 24.31 -11.67
C ALA C 197 4.66 22.97 -11.43
N GLU C 198 4.99 21.98 -12.26
CA GLU C 198 4.39 20.66 -12.11
C GLU C 198 4.83 19.96 -10.83
N VAL C 199 6.10 20.13 -10.46
CA VAL C 199 6.60 19.60 -9.18
C VAL C 199 5.89 20.30 -8.04
N PHE C 200 5.85 21.63 -8.10
CA PHE C 200 5.18 22.40 -7.07
C PHE C 200 3.66 22.17 -7.01
N ARG C 201 3.02 21.78 -8.11
CA ARG C 201 1.60 21.49 -8.10
C ARG C 201 1.25 20.39 -7.09
N TYR C 202 2.12 19.40 -6.97
CA TYR C 202 2.01 18.34 -5.95
C TYR C 202 2.00 18.82 -4.49
N THR C 203 2.32 20.11 -4.26
CA THR C 203 2.37 20.67 -2.89
C THR C 203 1.22 21.61 -2.56
N MET C 204 0.28 21.80 -3.48
CA MET C 204 -0.74 22.86 -3.35
C MET C 204 -1.70 22.67 -2.17
N SER C 205 -1.83 21.44 -1.68
CA SER C 205 -2.63 21.20 -0.47
C SER C 205 -2.03 21.86 0.78
N GLN C 206 -0.75 22.24 0.74
CA GLN C 206 -0.10 22.91 1.87
C GLN C 206 -0.28 24.41 1.78
N THR C 207 -1.50 24.87 2.03
CA THR C 207 -1.82 26.28 1.81
C THR C 207 -1.03 27.23 2.70
N ASP C 208 -0.62 26.76 3.88
CA ASP C 208 0.18 27.58 4.79
C ASP C 208 1.55 27.85 4.18
N LEU C 209 2.13 26.82 3.58
CA LEU C 209 3.45 26.91 2.96
C LEU C 209 3.44 28.02 1.89
N PHE C 210 2.40 28.02 1.06
CA PHE C 210 2.22 29.05 0.03
C PHE C 210 1.88 30.43 0.60
N LYS C 211 1.11 30.48 1.68
CA LYS C 211 0.80 31.77 2.28
C LYS C 211 2.04 32.48 2.80
N ARG C 212 3.02 31.71 3.28
CA ARG C 212 4.25 32.30 3.83
C ARG C 212 5.33 32.59 2.78
N HIS C 213 5.07 32.20 1.54
CA HIS C 213 5.97 32.46 0.41
C HIS C 213 5.16 33.00 -0.78
N PRO C 214 4.68 34.27 -0.68
CA PRO C 214 3.71 34.77 -1.68
C PRO C 214 4.23 34.87 -3.13
N GLN C 215 5.51 35.17 -3.32
CA GLN C 215 6.06 35.25 -4.67
C GLN C 215 6.03 33.88 -5.36
N VAL C 216 6.26 32.83 -4.59
CA VAL C 216 6.18 31.46 -5.13
C VAL C 216 4.75 31.14 -5.51
N LYS C 217 3.81 31.51 -4.64
CA LYS C 217 2.37 31.39 -4.89
C LYS C 217 1.94 32.14 -6.16
N ALA C 218 2.38 33.38 -6.30
CA ALA C 218 2.02 34.18 -7.47
C ALA C 218 2.71 33.64 -8.73
N TRP C 219 3.92 33.14 -8.57
CA TRP C 219 4.62 32.49 -9.70
C TRP C 219 3.82 31.27 -10.17
N LEU C 220 3.37 30.45 -9.23
CA LEU C 220 2.59 29.26 -9.59
C LEU C 220 1.32 29.65 -10.34
N ALA C 221 0.55 30.57 -9.76
CA ALA C 221 -0.68 31.05 -10.40
C ALA C 221 -0.44 31.58 -11.81
N ARG C 222 0.66 32.32 -11.95
CA ARG C 222 1.08 32.87 -13.23
C ARG C 222 1.30 31.74 -14.22
N CYS C 223 2.05 30.72 -13.80
CA CYS C 223 2.27 29.55 -14.66
C CYS C 223 0.99 28.81 -15.00
N GLN C 224 0.09 28.69 -14.04
CA GLN C 224 -1.13 27.91 -14.24
C GLN C 224 -2.23 28.70 -14.94
N SER C 225 -2.02 30.00 -15.17
CA SER C 225 -2.97 30.82 -15.96
C SER C 225 -2.83 30.65 -17.48
N ARG C 226 -1.80 29.94 -17.94
CA ARG C 226 -1.55 29.78 -19.37
C ARG C 226 -2.53 28.80 -20.01
N PRO C 227 -3.02 29.10 -21.24
CA PRO C 227 -3.98 28.23 -21.93
C PRO C 227 -3.56 26.77 -22.14
N ALA C 228 -2.27 26.52 -22.31
CA ALA C 228 -1.81 25.14 -22.51
C ALA C 228 -1.97 24.34 -21.22
N PHE C 229 -1.80 25.00 -20.08
CA PHE C 229 -1.97 24.32 -18.80
C PHE C 229 -3.43 24.01 -18.53
N LYS C 230 -4.30 25.00 -18.73
CA LYS C 230 -5.72 24.81 -18.55
C LYS C 230 -6.26 23.70 -19.43
N ALA C 231 -5.76 23.63 -20.66
CA ALA C 231 -6.23 22.65 -21.62
C ALA C 231 -5.75 21.25 -21.25
N MET C 232 -4.51 21.16 -20.75
CA MET C 232 -3.95 19.89 -20.30
C MET C 232 -4.81 19.33 -19.17
N MET C 233 -5.09 20.19 -18.18
CA MET C 233 -5.93 19.82 -17.02
C MET C 233 -7.35 19.44 -17.40
N GLU C 234 -7.88 20.04 -18.46
CA GLU C 234 -9.20 19.71 -18.95
C GLU C 234 -9.24 18.30 -19.50
N GLU C 235 -8.17 17.90 -20.17
CA GLU C 235 -8.06 16.54 -20.71
C GLU C 235 -7.94 15.56 -19.55
N ARG C 236 -7.15 15.97 -18.55
CA ARG C 236 -6.92 15.20 -17.33
C ARG C 236 -8.18 14.85 -16.57
N LEU C 237 -9.10 15.81 -16.49
CA LEU C 237 -10.33 15.65 -15.71
C LEU C 237 -11.29 14.61 -16.35
N LYS C 238 -11.17 14.37 -17.65
CA LYS C 238 -11.96 13.34 -18.32
C LYS C 238 -11.64 11.94 -17.78
N GLU C 239 -10.39 11.73 -17.33
CA GLU C 239 -10.02 10.45 -16.73
C GLU C 239 -10.60 10.33 -15.32
N PRO C 240 -11.04 9.12 -14.93
CA PRO C 240 -11.52 8.95 -13.55
C PRO C 240 -10.35 8.90 -12.55
N GLU C 241 -10.59 9.40 -11.34
CA GLU C 241 -9.57 9.44 -10.30
C GLU C 241 -9.16 8.03 -9.86
N THR D 15 44.46 30.04 -27.50
CA THR D 15 44.74 30.28 -26.06
C THR D 15 44.35 31.68 -25.64
N GLU D 16 44.71 32.67 -26.47
CA GLU D 16 44.50 34.08 -26.14
C GLU D 16 43.01 34.47 -26.19
N ASN D 17 42.19 33.61 -26.79
CA ASN D 17 40.76 33.81 -26.87
C ASN D 17 40.12 33.90 -25.49
N LEU D 18 40.62 33.10 -24.55
CA LEU D 18 40.11 33.08 -23.19
C LEU D 18 40.89 33.97 -22.19
N TYR D 19 41.65 34.95 -22.70
CA TYR D 19 42.49 35.78 -21.84
C TYR D 19 41.80 36.33 -20.58
N PHE D 20 40.55 36.77 -20.73
CA PHE D 20 39.86 37.48 -19.66
C PHE D 20 38.80 36.67 -18.88
N GLN D 21 38.61 35.39 -19.20
CA GLN D 21 37.64 34.60 -18.47
C GLN D 21 38.29 34.04 -17.21
N SER D 22 37.52 33.94 -16.13
CA SER D 22 38.01 33.37 -14.89
C SER D 22 38.10 31.88 -15.12
N MET D 23 39.00 31.21 -14.43
CA MET D 23 39.00 29.77 -14.53
C MET D 23 37.82 29.24 -13.70
N LEU D 24 37.39 28.05 -14.07
CA LEU D 24 36.40 27.32 -13.32
C LEU D 24 36.83 27.23 -11.84
N THR D 25 35.91 27.60 -10.95
CA THR D 25 36.05 27.40 -9.51
C THR D 25 35.06 26.31 -9.08
N ILE D 26 35.54 25.29 -8.38
CA ILE D 26 34.68 24.21 -7.85
C ILE D 26 34.69 24.29 -6.33
N TYR D 27 33.50 24.49 -5.75
CA TYR D 27 33.35 24.62 -4.30
C TYR D 27 32.98 23.26 -3.72
N GLY D 28 33.84 22.73 -2.84
CA GLY D 28 33.53 21.47 -2.16
C GLY D 28 34.73 20.59 -1.97
N VAL D 29 34.84 20.00 -0.78
CA VAL D 29 35.84 18.96 -0.56
C VAL D 29 35.68 17.82 -1.57
N TYR D 30 36.77 17.10 -1.83
CA TYR D 30 36.73 15.95 -2.73
C TYR D 30 35.87 14.80 -2.15
N ARG D 31 35.80 14.67 -0.82
CA ARG D 31 34.96 13.65 -0.18
C ARG D 31 33.52 14.14 -0.08
N SER D 32 32.91 14.33 -1.25
CA SER D 32 31.56 14.83 -1.38
C SER D 32 31.21 14.65 -2.83
N ARG D 33 29.98 15.03 -3.17
CA ARG D 33 29.52 14.96 -4.56
C ARG D 33 30.31 15.86 -5.52
N ALA D 34 31.08 16.80 -4.99
CA ALA D 34 32.00 17.60 -5.79
C ALA D 34 33.00 16.74 -6.58
N SER D 35 33.30 15.54 -6.08
CA SER D 35 34.12 14.57 -6.81
C SER D 35 33.67 14.42 -8.27
N ARG D 36 32.36 14.48 -8.49
CA ARG D 36 31.77 14.37 -9.81
C ARG D 36 32.24 15.46 -10.75
N ASN D 37 32.38 16.67 -10.21
CA ASN D 37 32.76 17.82 -11.01
C ASN D 37 34.30 17.92 -11.17
N TYR D 38 35.04 17.50 -10.15
CA TYR D 38 36.49 17.40 -10.24
C TYR D 38 36.92 16.39 -11.30
N TRP D 39 36.26 15.25 -11.36
CA TRP D 39 36.56 14.26 -12.39
C TRP D 39 36.22 14.83 -13.79
N MET D 40 35.06 15.45 -13.91
CA MET D 40 34.66 16.04 -15.20
C MET D 40 35.66 17.07 -15.70
N ALA D 41 36.08 17.97 -14.81
CA ALA D 41 37.08 18.97 -15.18
C ALA D 41 38.35 18.29 -15.66
N GLY D 42 38.75 17.22 -14.98
CA GLY D 42 39.93 16.44 -15.37
C GLY D 42 39.78 15.88 -16.77
N GLU D 43 38.63 15.25 -17.03
CA GLU D 43 38.32 14.66 -18.34
C GLU D 43 38.32 15.69 -19.47
N LEU D 44 37.91 16.91 -19.16
CA LEU D 44 37.83 17.97 -20.16
C LEU D 44 39.14 18.73 -20.30
N GLY D 45 40.10 18.44 -19.43
CA GLY D 45 41.38 19.14 -19.42
C GLY D 45 41.26 20.58 -18.97
N LEU D 46 40.30 20.89 -18.09
CA LEU D 46 40.12 22.28 -17.66
C LEU D 46 40.98 22.60 -16.46
N PRO D 47 41.65 23.76 -16.49
CA PRO D 47 42.20 24.29 -15.25
C PRO D 47 41.05 24.62 -14.31
N PHE D 48 41.25 24.48 -13.02
CA PHE D 48 40.24 24.90 -12.06
C PHE D 48 40.83 25.25 -10.72
N ARG D 49 40.14 26.13 -10.02
CA ARG D 49 40.44 26.47 -8.63
C ARG D 49 39.53 25.64 -7.69
N SER D 50 40.13 24.92 -6.75
CA SER D 50 39.37 24.20 -5.74
C SER D 50 39.25 25.04 -4.47
N VAL D 51 38.01 25.27 -4.05
CA VAL D 51 37.73 25.88 -2.76
C VAL D 51 37.08 24.78 -1.93
N PRO D 52 37.84 24.17 -1.00
CA PRO D 52 37.31 23.05 -0.24
C PRO D 52 36.33 23.50 0.85
N VAL D 53 35.05 23.30 0.57
CA VAL D 53 33.97 23.61 1.48
C VAL D 53 33.58 22.28 2.10
N VAL D 54 33.50 22.23 3.42
CA VAL D 54 33.23 20.98 4.11
C VAL D 54 31.80 20.97 4.65
N GLN D 55 31.22 19.77 4.72
CA GLN D 55 29.90 19.58 5.30
C GLN D 55 29.91 20.04 6.76
N ALA D 56 29.00 20.96 7.10
CA ALA D 56 28.95 21.55 8.44
C ALA D 56 28.94 20.54 9.59
N HIS D 57 28.30 19.38 9.38
CA HIS D 57 28.19 18.39 10.46
C HIS D 57 29.53 17.71 10.80
N ARG D 58 30.51 17.84 9.91
CA ARG D 58 31.86 17.32 10.15
C ARG D 58 32.78 18.29 10.89
N VAL D 59 32.29 19.50 11.15
CA VAL D 59 33.05 20.55 11.83
C VAL D 59 32.56 20.64 13.28
N ALA D 60 33.45 20.99 14.21
CA ALA D 60 33.05 21.12 15.62
C ALA D 60 32.22 22.37 15.90
N ASP D 61 32.45 23.44 15.15
CA ASP D 61 31.81 24.75 15.39
C ASP D 61 31.52 25.49 14.11
N PRO D 62 30.51 25.05 13.34
CA PRO D 62 30.34 25.56 11.98
C PRO D 62 30.28 27.09 11.86
N LEU D 63 29.51 27.76 12.72
CA LEU D 63 29.25 29.19 12.54
C LEU D 63 30.30 30.14 13.18
N ALA D 64 31.33 29.58 13.81
CA ALA D 64 32.34 30.40 14.46
C ALA D 64 33.28 31.06 13.46
N ALA D 65 34.01 32.07 13.93
CA ALA D 65 34.96 32.83 13.11
C ALA D 65 36.08 31.96 12.52
N ASP D 66 36.62 31.07 13.33
CA ASP D 66 37.81 30.26 12.96
C ASP D 66 37.44 29.03 12.13
N ALA D 67 36.14 28.74 12.03
CA ALA D 67 35.67 27.52 11.40
C ALA D 67 36.13 27.41 9.95
N PRO D 68 36.61 26.21 9.54
CA PRO D 68 36.92 26.07 8.12
C PRO D 68 35.71 26.41 7.28
N LEU D 69 35.92 26.75 6.02
CA LEU D 69 34.80 27.12 5.18
C LEU D 69 33.88 25.89 5.04
N ASN D 70 32.62 26.06 5.44
CA ASN D 70 31.67 24.96 5.46
C ASN D 70 30.30 25.36 4.91
N THR D 71 29.40 24.37 4.84
CA THR D 71 28.09 24.56 4.21
C THR D 71 27.13 25.49 4.95
N LYS D 72 27.44 25.80 6.21
CA LYS D 72 26.66 26.78 6.98
C LYS D 72 27.33 28.14 7.15
N SER D 73 28.46 28.34 6.47
CA SER D 73 29.15 29.63 6.49
C SER D 73 28.35 30.67 5.69
N PRO D 74 28.21 31.91 6.22
CA PRO D 74 27.47 32.93 5.47
C PRO D 74 28.08 33.22 4.09
N GLY D 75 29.41 33.16 4.01
CA GLY D 75 30.13 33.32 2.75
C GLY D 75 29.73 32.27 1.73
N PHE D 76 29.56 31.03 2.17
CA PHE D 76 29.17 29.99 1.23
C PHE D 76 27.67 30.07 0.90
N LEU D 77 26.86 30.37 1.90
CA LEU D 77 25.43 30.50 1.63
C LEU D 77 25.12 31.56 0.55
N ALA D 78 25.91 32.63 0.51
CA ALA D 78 25.72 33.68 -0.51
C ALA D 78 26.04 33.15 -1.91
N ILE D 79 26.84 32.09 -1.99
CA ILE D 79 27.16 31.46 -3.27
C ILE D 79 26.06 30.46 -3.68
N ASN D 80 25.76 29.51 -2.79
CA ASN D 80 24.67 28.54 -2.97
C ASN D 80 23.72 28.62 -1.77
N PRO D 81 22.56 29.28 -1.94
CA PRO D 81 21.65 29.43 -0.80
C PRO D 81 21.05 28.10 -0.33
N MET D 82 21.14 27.06 -1.14
CA MET D 82 20.70 25.74 -0.72
C MET D 82 21.64 25.18 0.37
N GLY D 83 22.86 25.69 0.46
CA GLY D 83 23.79 25.29 1.51
C GLY D 83 24.28 23.87 1.32
N LEU D 84 24.50 23.49 0.07
CA LEU D 84 25.00 22.17 -0.30
C LEU D 84 26.20 22.28 -1.25
N ILE D 85 27.07 21.29 -1.22
CA ILE D 85 28.17 21.18 -2.18
C ILE D 85 27.87 20.01 -3.10
N PRO D 86 28.32 20.06 -4.36
CA PRO D 86 29.16 21.11 -4.95
C PRO D 86 28.39 22.31 -5.46
N ALA D 87 29.11 23.42 -5.54
CA ALA D 87 28.78 24.54 -6.41
C ALA D 87 29.97 24.72 -7.34
N ILE D 88 29.69 25.07 -8.59
CA ILE D 88 30.73 25.53 -9.51
C ILE D 88 30.40 26.93 -9.96
N GLU D 89 31.43 27.73 -10.20
CA GLU D 89 31.27 29.08 -10.70
C GLU D 89 32.10 29.18 -11.96
N ASP D 90 31.43 29.49 -13.08
CA ASP D 90 32.07 29.60 -14.37
C ASP D 90 31.76 30.96 -14.96
N ASP D 91 32.71 31.87 -14.83
CA ASP D 91 32.64 33.17 -15.48
C ASP D 91 31.36 33.88 -15.09
N GLY D 92 31.14 33.99 -13.78
CA GLY D 92 29.95 34.64 -13.26
C GLY D 92 28.71 33.78 -13.20
N LEU D 93 28.76 32.55 -13.73
CA LEU D 93 27.64 31.60 -13.62
C LEU D 93 27.84 30.55 -12.51
N VAL D 94 26.95 30.57 -11.51
CA VAL D 94 26.98 29.60 -10.40
C VAL D 94 25.97 28.48 -10.63
N LEU D 95 26.45 27.24 -10.69
CA LEU D 95 25.59 26.08 -10.83
C LEU D 95 25.79 25.21 -9.60
N THR D 96 24.72 24.57 -9.15
CA THR D 96 24.66 23.97 -7.81
C THR D 96 24.04 22.57 -7.76
N GLU D 97 24.11 21.85 -8.88
CA GLU D 97 23.58 20.48 -8.97
C GLU D 97 24.56 19.59 -9.70
N SER D 98 25.17 18.68 -8.95
CA SER D 98 26.41 18.01 -9.34
C SER D 98 26.37 17.42 -10.75
N LEU D 99 25.30 16.71 -11.03
CA LEU D 99 25.21 15.97 -12.28
C LEU D 99 24.82 16.89 -13.42
N ALA D 100 23.97 17.86 -13.13
CA ALA D 100 23.60 18.85 -14.14
C ALA D 100 24.81 19.72 -14.41
N ASN D 101 25.63 19.95 -13.39
CA ASN D 101 26.86 20.73 -13.59
C ASN D 101 27.69 20.06 -14.69
N ASN D 102 27.76 18.74 -14.69
CA ASN D 102 28.57 18.02 -15.67
C ASN D 102 28.02 18.07 -17.07
N LEU D 103 26.70 18.05 -17.22
CA LEU D 103 26.09 18.16 -18.55
C LEU D 103 26.34 19.54 -19.12
N TYR D 104 26.33 20.54 -18.25
CA TYR D 104 26.61 21.89 -18.67
C TYR D 104 28.07 22.00 -19.14
N LEU D 105 28.99 21.37 -18.43
CA LEU D 105 30.40 21.44 -18.80
C LEU D 105 30.65 20.73 -20.12
N ALA D 106 29.99 19.60 -20.30
CA ALA D 106 30.05 18.87 -21.57
C ALA D 106 29.54 19.69 -22.74
N ARG D 107 28.36 20.28 -22.57
CA ARG D 107 27.76 21.11 -23.63
C ARG D 107 28.62 22.33 -23.91
N LYS D 108 29.24 22.89 -22.88
CA LYS D 108 30.03 24.09 -23.10
C LYS D 108 31.36 23.83 -23.82
N HIS D 109 32.09 22.79 -23.41
CA HIS D 109 33.46 22.58 -23.85
C HIS D 109 33.58 21.56 -24.96
N GLY D 110 32.54 20.77 -25.17
CA GLY D 110 32.54 19.81 -26.27
C GLY D 110 33.54 18.69 -26.04
N GLY D 111 33.97 18.07 -27.14
CA GLY D 111 34.80 16.89 -27.07
C GLY D 111 33.94 15.63 -27.00
N PRO D 112 34.60 14.47 -26.91
CA PRO D 112 33.86 13.21 -27.02
C PRO D 112 32.89 12.92 -25.87
N LEU D 113 33.09 13.54 -24.71
CA LEU D 113 32.13 13.38 -23.60
C LEU D 113 30.78 14.06 -23.88
N ALA D 114 30.77 15.03 -24.80
CA ALA D 114 29.56 15.78 -25.09
C ALA D 114 28.62 15.03 -26.02
N PRO D 115 27.31 15.28 -25.89
CA PRO D 115 26.43 14.81 -26.93
C PRO D 115 26.84 15.44 -28.25
N ALA D 116 26.85 14.64 -29.31
CA ALA D 116 27.28 15.08 -30.65
C ALA D 116 26.10 15.55 -31.50
N ASP D 117 24.88 15.19 -31.09
CA ASP D 117 23.66 15.63 -31.76
C ASP D 117 22.48 15.61 -30.79
N ILE D 118 21.32 16.07 -31.25
CA ILE D 118 20.13 16.18 -30.40
C ILE D 118 19.65 14.82 -29.88
N ARG D 119 19.76 13.79 -30.70
CA ARG D 119 19.44 12.45 -30.24
C ARG D 119 20.28 12.03 -29.04
N GLU D 120 21.59 12.26 -29.10
CA GLU D 120 22.45 11.87 -27.99
C GLU D 120 22.20 12.76 -26.78
N GLU D 121 21.81 14.00 -27.02
CA GLU D 121 21.55 14.91 -25.92
C GLU D 121 20.34 14.39 -25.15
N GLY D 122 19.34 13.91 -25.89
CA GLY D 122 18.21 13.20 -25.30
C GLY D 122 18.65 12.02 -24.45
N GLN D 123 19.41 11.10 -25.04
CA GLN D 123 19.83 9.87 -24.34
C GLN D 123 20.64 10.14 -23.08
N ILE D 124 21.64 11.01 -23.20
CA ILE D 124 22.51 11.37 -22.10
C ILE D 124 21.74 12.08 -20.99
N GLY D 125 20.80 12.94 -21.35
CA GLY D 125 19.94 13.62 -20.37
C GLY D 125 19.03 12.61 -19.67
N ASN D 126 18.49 11.68 -20.43
CA ASN D 126 17.63 10.64 -19.90
C ASN D 126 18.36 9.75 -18.88
N TRP D 127 19.56 9.24 -19.22
CA TRP D 127 20.32 8.40 -18.29
C TRP D 127 20.72 9.20 -17.04
N THR D 128 21.06 10.47 -17.22
CA THR D 128 21.47 11.32 -16.10
C THR D 128 20.32 11.51 -15.10
N MET D 129 19.13 11.81 -15.61
CA MET D 129 17.97 12.05 -14.75
C MET D 129 17.49 10.74 -14.11
N TRP D 130 17.67 9.62 -14.81
CA TRP D 130 17.37 8.29 -14.27
C TRP D 130 18.28 8.02 -13.09
N ALA D 131 19.56 8.31 -13.25
CA ALA D 131 20.51 8.14 -12.15
C ALA D 131 20.11 8.97 -10.95
N ALA D 132 19.80 10.24 -11.21
CA ALA D 132 19.52 11.20 -10.12
C ALA D 132 18.27 10.86 -9.32
N THR D 133 17.25 10.31 -9.99
CA THR D 133 15.95 10.11 -9.36
C THR D 133 15.64 8.63 -9.03
N GLU D 134 16.17 7.70 -9.80
CA GLU D 134 15.83 6.29 -9.61
C GLU D 134 16.93 5.48 -8.92
N VAL D 135 18.14 6.02 -8.81
CA VAL D 135 19.28 5.26 -8.25
C VAL D 135 19.88 5.94 -7.04
N GLU D 136 20.28 7.19 -7.22
CA GLU D 136 20.99 7.95 -6.21
C GLU D 136 20.31 7.97 -4.84
N PRO D 137 19.01 8.29 -4.78
CA PRO D 137 18.42 8.38 -3.44
C PRO D 137 18.58 7.07 -2.64
N HIS D 138 18.49 5.93 -3.33
CA HIS D 138 18.61 4.64 -2.67
C HIS D 138 20.08 4.31 -2.38
N ALA D 139 20.96 4.64 -3.32
CA ALA D 139 22.40 4.44 -3.14
C ALA D 139 22.94 5.24 -1.96
N VAL D 140 22.54 6.51 -1.88
CA VAL D 140 22.88 7.38 -0.75
C VAL D 140 22.56 6.76 0.60
N LYS D 141 21.46 6.02 0.70
CA LYS D 141 21.05 5.42 1.97
C LYS D 141 21.97 4.26 2.36
N ILE D 142 22.56 3.60 1.36
CA ILE D 142 23.58 2.58 1.61
C ILE D 142 24.85 3.18 2.20
N VAL D 143 25.33 4.29 1.64
CA VAL D 143 26.51 4.97 2.20
C VAL D 143 26.24 5.66 3.54
N LEU D 144 24.96 5.87 3.87
CA LEU D 144 24.58 6.42 5.17
C LEU D 144 24.40 5.32 6.22
N ALA D 145 23.98 4.13 5.80
CA ALA D 145 23.93 2.99 6.71
C ALA D 145 25.33 2.42 6.98
N HIS D 146 26.30 2.82 6.15
CA HIS D 146 27.72 2.54 6.40
C HIS D 146 28.33 3.49 7.44
N ASP D 147 27.59 4.55 7.82
CA ASP D 147 27.93 5.32 9.03
C ASP D 147 27.58 4.50 10.26
N ASN D 148 26.55 3.66 10.15
CA ASN D 148 26.07 2.83 11.24
C ASN D 148 25.91 1.38 10.80
N GLU D 159 14.09 -0.90 6.30
CA GLU D 159 14.62 0.20 5.49
C GLU D 159 15.50 -0.29 4.33
N ILE D 160 16.56 -1.05 4.68
CA ILE D 160 17.55 -1.58 3.71
C ILE D 160 16.90 -2.34 2.54
N ALA D 161 15.89 -3.15 2.85
CA ALA D 161 15.20 -4.00 1.87
C ALA D 161 14.39 -3.20 0.82
N ALA D 162 13.89 -2.04 1.22
CA ALA D 162 13.19 -1.13 0.31
C ALA D 162 14.17 -0.51 -0.68
N CYS D 163 15.32 -0.11 -0.15
CA CYS D 163 16.37 0.47 -0.95
C CYS D 163 17.07 -0.60 -1.80
N ALA D 164 17.21 -1.80 -1.25
CA ALA D 164 17.73 -2.91 -2.01
C ALA D 164 16.81 -3.27 -3.17
N ARG D 165 15.52 -3.25 -2.92
CA ARG D 165 14.55 -3.64 -3.91
C ARG D 165 14.58 -2.68 -5.08
N SER D 166 14.67 -1.40 -4.74
CA SER D 166 14.68 -0.36 -5.75
C SER D 166 15.92 -0.49 -6.61
N LEU D 167 17.03 -0.84 -5.98
CA LEU D 167 18.29 -0.90 -6.72
C LEU D 167 18.32 -2.14 -7.61
N GLU D 168 17.74 -3.24 -7.16
CA GLU D 168 17.60 -4.44 -8.02
C GLU D 168 17.05 -4.04 -9.38
N LYS D 169 16.01 -3.23 -9.36
CA LYS D 169 15.34 -2.83 -10.58
C LYS D 169 16.27 -2.04 -11.49
N ALA D 170 16.96 -1.05 -10.91
CA ALA D 170 17.88 -0.20 -11.66
C ALA D 170 19.04 -1.00 -12.26
N PHE D 171 19.66 -1.85 -11.45
CA PHE D 171 20.74 -2.70 -11.91
C PHE D 171 20.29 -3.57 -13.08
N ALA D 172 19.13 -4.21 -12.93
CA ALA D 172 18.59 -5.06 -13.99
C ALA D 172 18.41 -4.30 -15.30
N VAL D 173 17.87 -3.07 -15.21
CA VAL D 173 17.67 -2.24 -16.40
C VAL D 173 18.99 -1.88 -17.08
N LEU D 174 19.98 -1.50 -16.29
CA LEU D 174 21.29 -1.16 -16.85
C LEU D 174 22.03 -2.41 -17.39
N GLU D 175 21.89 -3.53 -16.70
CA GLU D 175 22.54 -4.77 -17.12
C GLU D 175 22.09 -5.18 -18.51
N THR D 176 20.79 -5.09 -18.75
CA THR D 176 20.18 -5.36 -20.06
C THR D 176 20.73 -4.40 -21.13
N HIS D 177 20.76 -3.11 -20.81
CA HIS D 177 21.24 -2.09 -21.74
C HIS D 177 22.71 -2.28 -22.09
N LEU D 178 23.49 -2.82 -21.16
CA LEU D 178 24.91 -3.07 -21.40
C LEU D 178 25.19 -4.45 -21.98
N ALA D 179 24.15 -5.20 -22.31
CA ALA D 179 24.37 -6.55 -22.82
C ALA D 179 25.27 -6.52 -24.04
N GLU D 180 25.04 -5.57 -24.95
CA GLU D 180 25.80 -5.50 -26.20
C GLU D 180 26.57 -4.21 -26.39
N ARG D 181 26.76 -3.43 -25.33
CA ARG D 181 27.57 -2.21 -25.40
CA ARG D 181 27.58 -2.22 -25.41
C ARG D 181 28.39 -2.02 -24.14
N ASP D 182 29.44 -1.19 -24.25
CA ASP D 182 30.37 -0.95 -23.15
C ASP D 182 30.16 0.38 -22.45
N TYR D 183 29.36 1.24 -23.05
CA TYR D 183 29.02 2.55 -22.52
C TYR D 183 27.55 2.79 -22.80
N VAL D 184 26.93 3.73 -22.08
CA VAL D 184 25.47 3.89 -22.16
C VAL D 184 25.01 4.59 -23.43
N VAL D 185 25.83 5.51 -23.95
CA VAL D 185 25.49 6.20 -25.20
C VAL D 185 26.66 6.19 -26.19
N GLY D 186 26.32 5.95 -27.47
CA GLY D 186 27.26 6.16 -28.57
C GLY D 186 28.43 5.20 -28.68
N ASP D 187 28.43 4.16 -27.85
CA ASP D 187 29.55 3.22 -27.74
C ASP D 187 30.88 3.90 -27.47
N ARG D 188 30.84 4.95 -26.67
CA ARG D 188 32.04 5.60 -26.16
C ARG D 188 31.73 6.17 -24.78
N PHE D 189 32.78 6.43 -24.01
CA PHE D 189 32.64 7.05 -22.70
C PHE D 189 32.15 8.48 -22.88
N THR D 190 30.99 8.80 -22.31
CA THR D 190 30.47 10.16 -22.33
C THR D 190 30.16 10.66 -20.92
N VAL D 191 29.67 11.89 -20.84
CA VAL D 191 29.25 12.45 -19.56
C VAL D 191 28.15 11.61 -18.87
N ALA D 192 27.34 10.90 -19.66
CA ALA D 192 26.34 9.98 -19.10
C ALA D 192 26.99 8.86 -18.28
N ASP D 193 28.00 8.20 -18.83
CA ASP D 193 28.77 7.21 -18.06
C ASP D 193 29.42 7.75 -16.80
N LEU D 194 29.99 8.95 -16.90
CA LEU D 194 30.71 9.57 -15.78
C LEU D 194 29.73 9.84 -14.64
N ASN D 195 28.62 10.48 -15.00
CA ASN D 195 27.58 10.77 -14.05
C ASN D 195 27.03 9.50 -13.40
N LEU D 196 26.74 8.51 -14.22
CA LEU D 196 26.25 7.24 -13.71
C LEU D 196 27.31 6.57 -12.82
N ALA D 197 28.56 6.56 -13.26
CA ALA D 197 29.62 5.88 -12.53
C ALA D 197 29.76 6.44 -11.13
N GLU D 198 29.55 7.74 -10.99
CA GLU D 198 29.72 8.36 -9.68
C GLU D 198 28.55 8.04 -8.76
N VAL D 199 27.36 7.88 -9.33
CA VAL D 199 26.21 7.43 -8.55
C VAL D 199 26.41 5.98 -8.13
N PHE D 200 26.84 5.15 -9.08
CA PHE D 200 27.06 3.72 -8.78
C PHE D 200 28.25 3.48 -7.84
N ARG D 201 29.17 4.42 -7.75
CA ARG D 201 30.27 4.28 -6.81
C ARG D 201 29.72 4.11 -5.39
N TYR D 202 28.65 4.82 -5.07
CA TYR D 202 28.02 4.71 -3.75
C TYR D 202 27.45 3.32 -3.43
N THR D 203 27.31 2.45 -4.44
CA THR D 203 26.76 1.10 -4.24
C THR D 203 27.83 0.00 -4.17
N MET D 204 29.10 0.38 -4.29
CA MET D 204 30.16 -0.62 -4.46
C MET D 204 30.34 -1.58 -3.29
N SER D 205 29.87 -1.21 -2.11
CA SER D 205 29.92 -2.13 -0.96
C SER D 205 28.96 -3.32 -1.13
N GLN D 206 28.00 -3.18 -2.05
CA GLN D 206 26.94 -4.17 -2.24
C GLN D 206 27.42 -5.31 -3.16
N THR D 207 28.29 -6.18 -2.68
CA THR D 207 28.98 -7.14 -3.56
C THR D 207 28.02 -8.11 -4.27
N ASP D 208 27.03 -8.62 -3.54
CA ASP D 208 25.99 -9.47 -4.12
C ASP D 208 25.31 -8.81 -5.32
N LEU D 209 25.00 -7.53 -5.18
CA LEU D 209 24.31 -6.82 -6.25
C LEU D 209 25.20 -6.82 -7.50
N PHE D 210 26.50 -6.56 -7.33
CA PHE D 210 27.42 -6.50 -8.45
C PHE D 210 27.74 -7.90 -9.01
N LYS D 211 27.68 -8.90 -8.15
CA LYS D 211 27.98 -10.27 -8.59
C LYS D 211 26.91 -10.78 -9.54
N ARG D 212 25.66 -10.34 -9.34
CA ARG D 212 24.56 -10.77 -10.20
C ARG D 212 24.39 -9.85 -11.42
N HIS D 213 25.20 -8.79 -11.51
CA HIS D 213 25.13 -7.90 -12.67
C HIS D 213 26.52 -7.66 -13.26
N PRO D 214 27.07 -8.69 -13.93
CA PRO D 214 28.46 -8.67 -14.41
C PRO D 214 28.78 -7.55 -15.38
N GLN D 215 27.84 -7.22 -16.27
CA GLN D 215 28.02 -6.11 -17.21
C GLN D 215 28.10 -4.75 -16.52
N VAL D 216 27.26 -4.53 -15.51
CA VAL D 216 27.34 -3.31 -14.70
C VAL D 216 28.68 -3.25 -13.98
N LYS D 217 29.14 -4.39 -13.46
CA LYS D 217 30.43 -4.46 -12.77
C LYS D 217 31.61 -4.07 -13.68
N ALA D 218 31.63 -4.68 -14.86
CA ALA D 218 32.68 -4.41 -15.83
C ALA D 218 32.60 -2.97 -16.36
N TRP D 219 31.40 -2.49 -16.66
CA TRP D 219 31.21 -1.10 -17.08
C TRP D 219 31.78 -0.14 -16.03
N LEU D 220 31.46 -0.36 -14.77
CA LEU D 220 31.94 0.52 -13.72
C LEU D 220 33.46 0.49 -13.65
N ALA D 221 34.03 -0.71 -13.72
CA ALA D 221 35.49 -0.89 -13.74
C ALA D 221 36.13 -0.15 -14.91
N ARG D 222 35.53 -0.33 -16.08
CA ARG D 222 35.91 0.38 -17.30
C ARG D 222 36.01 1.88 -17.06
N CYS D 223 34.99 2.43 -16.40
CA CYS D 223 34.95 3.87 -16.15
C CYS D 223 35.99 4.33 -15.16
N GLN D 224 36.23 3.50 -14.13
CA GLN D 224 37.14 3.86 -13.06
C GLN D 224 38.61 3.55 -13.38
N SER D 225 38.85 2.90 -14.52
CA SER D 225 40.22 2.66 -15.00
C SER D 225 40.80 3.88 -15.70
N ARG D 226 40.02 4.94 -15.81
CA ARG D 226 40.43 6.11 -16.59
C ARG D 226 41.36 7.01 -15.76
N PRO D 227 42.39 7.58 -16.42
CA PRO D 227 43.40 8.38 -15.69
C PRO D 227 42.84 9.59 -14.94
N ALA D 228 41.83 10.24 -15.51
CA ALA D 228 41.20 11.38 -14.83
C ALA D 228 40.46 10.95 -13.55
N PHE D 229 39.88 9.75 -13.57
CA PHE D 229 39.27 9.19 -12.36
C PHE D 229 40.33 8.92 -11.31
N LYS D 230 41.37 8.18 -11.69
CA LYS D 230 42.45 7.87 -10.77
C LYS D 230 43.10 9.12 -10.18
N ALA D 231 43.24 10.17 -10.99
CA ALA D 231 43.81 11.43 -10.50
C ALA D 231 42.85 12.12 -9.51
N MET D 232 41.55 12.11 -9.80
CA MET D 232 40.56 12.64 -8.87
C MET D 232 40.64 11.91 -7.52
N MET D 233 40.66 10.58 -7.57
CA MET D 233 40.65 9.78 -6.34
C MET D 233 41.94 9.95 -5.54
N GLU D 234 43.06 10.18 -6.24
CA GLU D 234 44.33 10.50 -5.57
C GLU D 234 44.24 11.77 -4.73
N GLU D 235 43.66 12.83 -5.30
CA GLU D 235 43.41 14.07 -4.53
C GLU D 235 42.47 13.82 -3.37
N ARG D 236 41.43 13.03 -3.64
CA ARG D 236 40.44 12.70 -2.62
C ARG D 236 41.07 12.05 -1.39
N LEU D 237 41.97 11.10 -1.61
CA LEU D 237 42.64 10.35 -0.52
C LEU D 237 43.43 11.23 0.43
N LYS D 238 43.97 12.35 -0.05
CA LYS D 238 44.74 13.26 0.80
C LYS D 238 43.90 13.92 1.89
N GLU D 239 42.60 14.02 1.69
CA GLU D 239 41.71 14.60 2.69
C GLU D 239 41.45 13.59 3.79
N PRO D 240 41.50 14.03 5.07
CA PRO D 240 41.14 13.12 6.15
C PRO D 240 39.67 12.70 6.05
N GLU D 241 39.37 11.47 6.47
CA GLU D 241 37.99 10.97 6.43
C GLU D 241 37.12 11.71 7.44
#